data_5UAP
#
_entry.id   5UAP
#
_cell.length_a   77.070
_cell.length_b   77.070
_cell.length_c   202.172
_cell.angle_alpha   90.00
_cell.angle_beta   90.00
_cell.angle_gamma   120.00
#
_symmetry.space_group_name_H-M   'P 32'
#
loop_
_entity.id
_entity.type
_entity.pdbx_description
1 polymer 'Cytochrome P450 2B6'
2 non-polymer 'PROTOPORPHYRIN IX CONTAINING FE'
3 non-polymer 5-CYCLOHEXYL-1-PENTYL-BETA-D-MALTOSIDE
4 non-polymer (1R,2R,4R)-2-bromo-1,7,7-trimethylbicyclo[2.2.1]heptane
5 water water
#
_entity_poly.entity_id   1
_entity_poly.type   'polypeptide(L)'
_entity_poly.pdbx_seq_one_letter_code
;MAKKTSSKGKLPPGPRPLPLLGNLLQMDRRGLLKSFLRFREKYGDVFTVHLGPRPVVMLCGVEAIREALVDKAEAFSGRG
KIAMVDPFFRGYGVIFANGNRWKVLRRFSVTTMRDFGMGKRSVEERIQEEAQCLIEELRKSKGALMDPTFLFQSITANII
CSIVFGKRFHYQDQEFLKMLNLFYQTFSLISSVFGQLFELFSGFLKHFPGAHRQVYKNLQEINAYIGHSVEKHRETLDPS
APRDLIDTYLLHMEKEKSNAHSEFSHQNLNLNTLSLFFAGTETTSTTLRYGFLLMLKYPHVAERVYREIEQVIGPHRPPE
LHDRAKMPYTEAVIYEIQRFSDLLPMGVPHIVTQHTSFRGYIIPKDTEVFLILSTALHDPHYFEKPDAFNPDHFLDANGA
LKKTEAFIPFSLGKRICLGEGIARAELFLFFTTILQNFSMASPVAPEDIDLTPQECGVGKIPPTYQIRFLPRHHHH
;
_entity_poly.pdbx_strand_id   A,B
#
loop_
_chem_comp.id
_chem_comp.type
_chem_comp.name
_chem_comp.formula
82S non-polymer (1R,2R,4R)-2-bromo-1,7,7-trimethylbicyclo[2.2.1]heptane 'C10 H17 Br'
CM5 non-polymer 5-CYCLOHEXYL-1-PENTYL-BETA-D-MALTOSIDE 'C23 H42 O11'
HEM non-polymer 'PROTOPORPHYRIN IX CONTAINING FE' 'C34 H32 Fe N4 O4'
#
# COMPACT_ATOMS: atom_id res chain seq x y z
N GLY A 9 20.65 -53.45 0.51
CA GLY A 9 20.13 -54.26 -0.64
C GLY A 9 18.78 -53.75 -1.14
N LYS A 10 17.97 -53.25 -0.23
CA LYS A 10 16.66 -52.70 -0.52
C LYS A 10 16.60 -51.23 -0.06
N LEU A 11 15.43 -50.65 -0.26
CA LEU A 11 15.20 -49.32 0.24
C LEU A 11 15.19 -49.31 1.76
N PRO A 12 15.48 -48.14 2.34
CA PRO A 12 15.19 -48.04 3.74
C PRO A 12 13.82 -48.54 4.11
N PRO A 13 13.68 -49.10 5.32
CA PRO A 13 12.39 -49.58 5.82
C PRO A 13 11.39 -48.46 6.03
N GLY A 14 10.12 -48.79 6.15
CA GLY A 14 9.11 -47.81 6.51
C GLY A 14 7.76 -48.50 6.56
N PRO A 15 6.70 -47.75 6.77
CA PRO A 15 5.38 -48.34 6.79
C PRO A 15 5.01 -48.97 5.45
N ARG A 16 4.21 -50.03 5.53
CA ARG A 16 3.90 -50.81 4.35
C ARG A 16 2.88 -50.02 3.56
N PRO A 17 3.11 -49.87 2.29
CA PRO A 17 2.20 -49.05 1.55
C PRO A 17 1.07 -49.84 0.93
N LEU A 18 0.00 -49.15 0.51
CA LEU A 18 -1.02 -49.69 -0.42
C LEU A 18 -0.82 -49.23 -1.86
N PRO A 19 -1.26 -50.08 -2.81
CA PRO A 19 -1.31 -49.62 -4.18
C PRO A 19 -2.15 -48.34 -4.26
N LEU A 20 -1.77 -47.44 -5.17
CA LEU A 20 -2.45 -46.13 -5.37
C LEU A 20 -2.26 -45.10 -4.22
N LEU A 21 -2.62 -45.52 -3.02
CA LEU A 21 -2.66 -44.65 -1.88
C LEU A 21 -1.28 -44.46 -1.19
N GLY A 22 -0.31 -45.32 -1.49
CA GLY A 22 0.97 -45.28 -0.85
C GLY A 22 0.71 -45.49 0.61
N ASN A 23 1.31 -44.66 1.47
CA ASN A 23 1.13 -44.74 2.92
C ASN A 23 0.18 -43.70 3.38
N LEU A 24 -0.74 -43.27 2.53
CA LEU A 24 -1.76 -42.32 2.96
C LEU A 24 -2.39 -42.66 4.28
N LEU A 25 -2.75 -43.93 4.48
CA LEU A 25 -3.56 -44.25 5.66
C LEU A 25 -2.75 -44.24 6.96
N GLN A 26 -1.44 -44.26 6.83
CA GLN A 26 -0.57 -44.08 7.98
C GLN A 26 -0.11 -42.64 8.24
N MET A 27 -0.58 -41.68 7.46
CA MET A 27 -0.09 -40.29 7.63
C MET A 27 -0.85 -39.67 8.75
N ASP A 28 -0.34 -38.55 9.24
CA ASP A 28 -0.97 -37.75 10.29
C ASP A 28 -1.64 -36.56 9.61
N ARG A 29 -2.88 -36.27 9.98
CA ARG A 29 -3.66 -35.30 9.22
C ARG A 29 -3.16 -33.89 9.45
N ARG A 30 -2.30 -33.75 10.42
CA ARG A 30 -1.71 -32.45 10.69
C ARG A 30 -0.62 -32.10 9.70
N GLY A 31 -0.18 -33.06 8.90
CA GLY A 31 0.67 -32.75 7.77
C GLY A 31 1.80 -33.72 7.47
N LEU A 32 2.61 -33.36 6.48
CA LEU A 32 3.69 -34.21 6.09
C LEU A 32 4.78 -34.33 7.16
N LEU A 33 5.17 -33.21 7.77
CA LEU A 33 6.27 -33.21 8.68
C LEU A 33 5.88 -34.03 9.89
N LYS A 34 4.69 -33.78 10.42
CA LYS A 34 4.19 -34.51 11.58
C LYS A 34 4.09 -36.00 11.27
N SER A 35 3.65 -36.34 10.07
CA SER A 35 3.65 -37.72 9.62
C SER A 35 5.00 -38.34 9.69
N PHE A 36 5.98 -37.60 9.15
CA PHE A 36 7.29 -38.11 9.06
C PHE A 36 7.96 -38.27 10.40
N LEU A 37 7.79 -37.29 11.25
CA LEU A 37 8.28 -37.37 12.63
C LEU A 37 7.73 -38.58 13.40
N ARG A 38 6.50 -38.94 13.11
CA ARG A 38 5.96 -40.18 13.72
C ARG A 38 6.62 -41.41 13.17
N PHE A 39 6.85 -41.45 11.86
CA PHE A 39 7.63 -42.56 11.29
C PHE A 39 9.03 -42.71 11.87
N ARG A 40 9.67 -41.60 12.13
CA ARG A 40 11.02 -41.59 12.68
C ARG A 40 11.01 -42.27 14.07
N GLU A 41 9.94 -42.07 14.84
CA GLU A 41 9.84 -42.68 16.19
C GLU A 41 10.01 -44.18 16.00
N LYS A 42 9.29 -44.74 15.03
CA LYS A 42 9.30 -46.20 14.79
C LYS A 42 10.53 -46.67 14.02
N TYR A 43 10.93 -45.96 12.96
CA TYR A 43 11.93 -46.48 12.02
C TYR A 43 13.35 -45.93 12.15
N GLY A 44 13.53 -44.84 12.88
CA GLY A 44 14.85 -44.21 13.04
C GLY A 44 15.01 -43.11 12.01
N ASP A 45 16.25 -42.86 11.64
CA ASP A 45 16.61 -41.61 10.99
C ASP A 45 16.56 -41.74 9.48
N VAL A 46 16.46 -42.98 9.01
CA VAL A 46 16.46 -43.26 7.59
C VAL A 46 15.33 -44.17 7.25
N PHE A 47 14.35 -43.70 6.48
CA PHE A 47 13.18 -44.47 6.23
C PHE A 47 12.51 -44.08 4.96
N THR A 48 11.57 -44.90 4.51
CA THR A 48 10.89 -44.69 3.23
C THR A 48 9.43 -44.49 3.43
N VAL A 49 8.86 -43.47 2.78
CA VAL A 49 7.47 -43.27 2.79
C VAL A 49 6.99 -43.20 1.34
N HIS A 50 5.87 -43.87 1.07
CA HIS A 50 5.27 -43.89 -0.25
C HIS A 50 4.24 -42.77 -0.37
N LEU A 51 4.63 -41.69 -1.04
CA LEU A 51 3.78 -40.51 -1.17
C LEU A 51 2.98 -40.73 -2.45
N GLY A 52 1.74 -41.09 -2.33
CA GLY A 52 1.01 -41.59 -3.46
C GLY A 52 1.83 -42.62 -4.23
N PRO A 53 1.94 -42.42 -5.53
CA PRO A 53 2.56 -43.43 -6.37
C PRO A 53 4.01 -43.80 -6.13
N ARG A 54 4.86 -43.12 -5.17
CA ARG A 54 6.29 -43.30 -5.39
C ARG A 54 7.22 -43.58 -4.18
N PRO A 55 8.32 -44.25 -4.13
CA PRO A 55 8.86 -44.16 -2.78
C PRO A 55 9.69 -42.89 -2.52
N VAL A 56 9.63 -42.31 -1.33
CA VAL A 56 10.52 -41.20 -1.00
C VAL A 56 11.35 -41.48 0.28
N VAL A 57 12.63 -41.33 0.21
CA VAL A 57 13.50 -41.53 1.35
C VAL A 57 13.65 -40.31 2.24
N MET A 58 13.41 -40.48 3.52
CA MET A 58 13.57 -39.40 4.47
C MET A 58 14.83 -39.59 5.25
N LEU A 59 15.61 -38.53 5.33
CA LEU A 59 16.80 -38.54 6.16
C LEU A 59 16.66 -37.52 7.28
N CYS A 60 16.98 -37.96 8.47
CA CYS A 60 16.74 -37.14 9.64
C CYS A 60 17.96 -37.10 10.49
N GLY A 61 18.06 -36.00 11.18
CA GLY A 61 19.19 -35.75 12.07
C GLY A 61 20.36 -35.24 11.27
N VAL A 62 21.23 -34.49 11.95
CA VAL A 62 22.32 -33.82 11.25
C VAL A 62 23.34 -34.79 10.71
N GLU A 63 23.58 -35.89 11.42
CA GLU A 63 24.55 -36.87 10.98
C GLU A 63 24.16 -37.50 9.65
N ALA A 64 22.95 -38.02 9.53
CA ALA A 64 22.57 -38.66 8.29
C ALA A 64 22.50 -37.63 7.13
N ILE A 65 21.98 -36.45 7.44
CA ILE A 65 21.81 -35.37 6.41
C ILE A 65 23.17 -34.91 5.87
N ARG A 66 24.14 -34.75 6.77
CA ARG A 66 25.47 -34.38 6.39
C ARG A 66 26.16 -35.55 5.69
N GLU A 67 25.92 -36.77 6.14
CA GLU A 67 26.47 -37.91 5.42
C GLU A 67 26.01 -37.92 3.98
N ALA A 68 24.74 -37.68 3.75
CA ALA A 68 24.23 -37.70 2.39
C ALA A 68 24.74 -36.50 1.54
N LEU A 69 24.53 -35.30 2.02
CA LEU A 69 24.81 -34.14 1.23
C LEU A 69 26.25 -33.74 1.15
N VAL A 70 27.00 -34.00 2.21
CA VAL A 70 28.41 -33.69 2.18
C VAL A 70 29.19 -34.93 1.82
N ASP A 71 29.15 -36.01 2.63
CA ASP A 71 30.02 -37.19 2.29
C ASP A 71 29.65 -37.82 1.00
N LYS A 72 28.38 -37.81 0.63
CA LYS A 72 27.99 -38.37 -0.66
C LYS A 72 27.36 -37.39 -1.64
N ALA A 73 27.92 -36.22 -1.75
CA ALA A 73 27.41 -35.20 -2.74
C ALA A 73 27.37 -35.71 -4.22
N GLU A 74 28.20 -36.69 -4.58
CA GLU A 74 28.18 -37.25 -5.96
C GLU A 74 26.86 -37.99 -6.25
N ALA A 75 26.11 -38.29 -5.20
CA ALA A 75 24.90 -39.06 -5.39
C ALA A 75 23.66 -38.29 -4.97
N PHE A 76 23.80 -37.36 -4.03
CA PHE A 76 22.62 -36.78 -3.38
C PHE A 76 22.32 -35.36 -3.82
N SER A 77 23.02 -34.91 -4.86
CA SER A 77 23.01 -33.50 -5.26
C SER A 77 21.97 -33.15 -6.29
N GLY A 78 21.14 -34.09 -6.64
CA GLY A 78 20.04 -33.80 -7.54
C GLY A 78 18.86 -33.10 -6.87
N ARG A 79 17.98 -32.56 -7.71
CA ARG A 79 16.81 -31.84 -7.27
C ARG A 79 15.52 -32.58 -7.62
N GLY A 80 14.66 -32.78 -6.64
CA GLY A 80 13.33 -33.34 -6.86
C GLY A 80 12.34 -32.25 -7.17
N LYS A 81 11.09 -32.61 -7.37
CA LYS A 81 10.07 -31.67 -7.81
C LYS A 81 9.26 -31.29 -6.60
N ILE A 82 8.66 -30.11 -6.65
CA ILE A 82 7.63 -29.78 -5.68
C ILE A 82 6.42 -29.78 -6.52
N ALA A 83 5.52 -30.73 -6.26
CA ALA A 83 4.42 -30.92 -7.16
C ALA A 83 3.56 -29.68 -7.42
N MET A 84 3.32 -28.83 -6.43
CA MET A 84 2.54 -27.60 -6.66
C MET A 84 3.15 -26.56 -7.66
N VAL A 85 4.46 -26.58 -7.83
CA VAL A 85 5.10 -25.63 -8.73
C VAL A 85 5.83 -26.27 -9.95
N ASP A 86 6.05 -27.58 -9.97
CA ASP A 86 6.73 -28.20 -11.11
C ASP A 86 6.05 -27.87 -12.45
N PRO A 87 4.70 -27.77 -12.49
CA PRO A 87 4.14 -27.53 -13.81
C PRO A 87 4.44 -26.14 -14.29
N PHE A 88 4.83 -25.27 -13.36
CA PHE A 88 5.29 -23.95 -13.78
C PHE A 88 6.76 -23.96 -14.12
N PHE A 89 7.62 -24.45 -13.24
CA PHE A 89 9.05 -24.34 -13.44
C PHE A 89 9.58 -25.34 -14.41
N ARG A 90 9.04 -26.55 -14.43
CA ARG A 90 9.45 -27.53 -15.42
C ARG A 90 10.93 -27.70 -15.57
N GLY A 91 11.68 -27.64 -14.49
CA GLY A 91 13.10 -27.87 -14.59
C GLY A 91 13.98 -26.77 -15.07
N TYR A 92 13.40 -25.58 -15.22
CA TYR A 92 14.09 -24.36 -15.60
C TYR A 92 14.44 -23.53 -14.36
N GLY A 93 15.57 -22.83 -14.45
CA GLY A 93 16.08 -21.92 -13.42
C GLY A 93 16.84 -22.74 -12.43
N VAL A 94 17.68 -22.04 -11.68
CA VAL A 94 18.62 -22.76 -10.84
C VAL A 94 18.00 -23.69 -9.75
N ILE A 95 16.90 -23.28 -9.10
CA ILE A 95 16.29 -24.09 -8.04
C ILE A 95 15.85 -25.42 -8.55
N PHE A 96 15.17 -25.44 -9.70
CA PHE A 96 14.61 -26.64 -10.17
C PHE A 96 15.37 -27.36 -11.24
N ALA A 97 16.52 -26.84 -11.67
CA ALA A 97 17.34 -27.55 -12.61
C ALA A 97 18.15 -28.73 -12.05
N ASN A 98 18.56 -29.56 -12.99
CA ASN A 98 19.42 -30.67 -12.76
C ASN A 98 20.52 -30.69 -13.82
N GLY A 99 21.50 -31.56 -13.59
CA GLY A 99 22.57 -31.84 -14.53
C GLY A 99 23.31 -30.62 -15.00
N ASN A 100 23.71 -30.60 -16.27
CA ASN A 100 24.47 -29.49 -16.77
C ASN A 100 23.74 -28.15 -16.68
N ARG A 101 22.44 -28.15 -16.76
CA ARG A 101 21.73 -26.92 -16.71
C ARG A 101 21.97 -26.32 -15.34
N TRP A 102 21.85 -27.16 -14.32
CA TRP A 102 22.08 -26.71 -12.95
C TRP A 102 23.51 -26.17 -12.84
N LYS A 103 24.47 -26.91 -13.35
CA LYS A 103 25.86 -26.43 -13.21
C LYS A 103 26.00 -25.05 -13.74
N VAL A 104 25.40 -24.79 -14.90
CA VAL A 104 25.60 -23.57 -15.61
C VAL A 104 24.90 -22.40 -14.89
N LEU A 105 23.66 -22.66 -14.54
CA LEU A 105 22.83 -21.70 -13.90
C LEU A 105 23.32 -21.41 -12.47
N ARG A 106 23.81 -22.41 -11.79
CA ARG A 106 24.33 -22.22 -10.44
C ARG A 106 25.54 -21.32 -10.49
N ARG A 107 26.49 -21.59 -11.41
CA ARG A 107 27.72 -20.80 -11.53
C ARG A 107 27.37 -19.40 -11.93
N PHE A 108 26.42 -19.27 -12.83
CA PHE A 108 26.00 -17.95 -13.23
C PHE A 108 25.37 -17.13 -12.11
N SER A 109 24.41 -17.74 -11.45
CA SER A 109 23.73 -17.10 -10.38
C SER A 109 24.66 -16.78 -9.20
N VAL A 110 25.51 -17.69 -8.83
CA VAL A 110 26.44 -17.39 -7.69
C VAL A 110 27.30 -16.16 -8.03
N THR A 111 27.89 -16.14 -9.22
CA THR A 111 28.72 -15.02 -9.65
C THR A 111 27.97 -13.70 -9.70
N THR A 112 26.75 -13.70 -10.25
CA THR A 112 26.08 -12.45 -10.50
C THR A 112 25.32 -12.01 -9.28
N MET A 113 25.13 -12.90 -8.32
CA MET A 113 24.53 -12.48 -7.02
C MET A 113 25.68 -11.95 -6.08
N ARG A 114 26.92 -11.97 -6.57
CA ARG A 114 28.08 -11.62 -5.76
C ARG A 114 28.77 -10.40 -6.35
N ASP A 115 29.20 -10.50 -7.62
CA ASP A 115 29.94 -9.42 -8.29
C ASP A 115 29.04 -8.60 -9.21
N PHE A 116 29.08 -7.28 -9.04
CA PHE A 116 28.16 -6.39 -9.69
C PHE A 116 29.05 -5.53 -10.60
N GLY A 117 28.50 -4.48 -11.20
CA GLY A 117 29.24 -3.68 -12.19
C GLY A 117 30.36 -2.76 -11.69
N MET A 118 30.92 -1.97 -12.62
CA MET A 118 32.20 -1.27 -12.52
C MET A 118 32.30 -0.68 -11.13
N GLY A 119 31.44 0.28 -10.83
CA GLY A 119 31.43 0.90 -9.52
C GLY A 119 30.06 0.85 -8.89
N LYS A 120 29.59 -0.36 -8.64
CA LYS A 120 28.26 -0.56 -8.10
C LYS A 120 28.33 -0.95 -6.62
N ARG A 121 27.25 -0.72 -5.91
CA ARG A 121 27.22 -0.96 -4.49
C ARG A 121 27.47 -2.40 -4.09
N SER A 122 28.17 -2.58 -3.00
CA SER A 122 28.26 -3.85 -2.37
C SER A 122 26.84 -4.26 -1.94
N VAL A 123 26.70 -5.53 -1.66
CA VAL A 123 25.49 -6.07 -1.02
C VAL A 123 25.19 -5.34 0.27
N GLU A 124 26.21 -5.23 1.14
CA GLU A 124 26.09 -4.51 2.39
C GLU A 124 25.52 -3.10 2.18
N GLU A 125 26.13 -2.34 1.28
CA GLU A 125 25.63 -0.95 1.05
C GLU A 125 24.19 -0.99 0.57
N ARG A 126 23.86 -1.96 -0.30
CA ARG A 126 22.46 -2.04 -0.81
C ARG A 126 21.46 -2.31 0.39
N ILE A 127 21.89 -3.14 1.33
CA ILE A 127 21.03 -3.48 2.46
C ILE A 127 20.96 -2.28 3.40
N GLN A 128 22.09 -1.65 3.64
CA GLN A 128 22.12 -0.49 4.49
C GLN A 128 21.23 0.62 3.93
N GLU A 129 21.29 0.86 2.62
CA GLU A 129 20.38 1.89 2.03
C GLU A 129 18.91 1.47 2.15
N GLU A 130 18.61 0.21 1.86
CA GLU A 130 17.26 -0.24 2.00
C GLU A 130 16.76 -0.06 3.45
N ALA A 131 17.66 -0.32 4.41
CA ALA A 131 17.30 -0.25 5.80
C ALA A 131 16.96 1.17 6.20
N GLN A 132 17.76 2.14 5.74
CA GLN A 132 17.37 3.59 5.85
C GLN A 132 16.06 3.93 5.20
N CYS A 133 15.79 3.40 4.02
CA CYS A 133 14.45 3.66 3.45
C CYS A 133 13.38 3.05 4.39
N LEU A 134 13.67 1.88 4.96
CA LEU A 134 12.68 1.23 5.84
C LEU A 134 12.44 2.07 7.10
N ILE A 135 13.48 2.56 7.73
CA ILE A 135 13.27 3.22 8.97
C ILE A 135 12.61 4.60 8.75
N GLU A 136 12.92 5.23 7.63
CA GLU A 136 12.10 6.42 7.23
C GLU A 136 10.59 6.06 7.08
N GLU A 137 10.31 4.92 6.44
CA GLU A 137 8.91 4.50 6.31
C GLU A 137 8.31 4.25 7.67
N LEU A 138 9.08 3.59 8.56
CA LEU A 138 8.52 3.28 9.88
C LEU A 138 8.27 4.54 10.70
N ARG A 139 9.20 5.48 10.61
CA ARG A 139 8.99 6.84 11.21
C ARG A 139 7.75 7.52 10.67
N LYS A 140 7.52 7.42 9.36
CA LYS A 140 6.31 7.98 8.78
C LYS A 140 5.04 7.16 9.11
N SER A 141 5.17 5.98 9.69
CA SER A 141 3.97 5.24 10.07
C SER A 141 3.37 5.77 11.42
N LYS A 142 4.09 6.65 12.10
CA LYS A 142 3.56 7.30 13.29
C LYS A 142 3.00 6.32 14.32
N GLY A 143 3.73 5.24 14.56
CA GLY A 143 3.38 4.23 15.56
C GLY A 143 2.07 3.50 15.28
N ALA A 144 1.58 3.60 14.05
CA ALA A 144 0.36 2.96 13.73
C ALA A 144 0.56 1.42 13.74
N LEU A 145 -0.54 0.70 14.00
CA LEU A 145 -0.52 -0.74 13.80
C LEU A 145 -0.40 -1.08 12.32
N MET A 146 0.31 -2.17 12.04
CA MET A 146 0.31 -2.73 10.74
C MET A 146 0.64 -4.24 10.85
N ASP A 147 0.35 -4.91 9.77
CA ASP A 147 0.91 -6.22 9.61
C ASP A 147 2.15 -5.91 8.76
N PRO A 148 3.32 -6.23 9.27
CA PRO A 148 4.56 -5.80 8.66
C PRO A 148 4.97 -6.63 7.49
N THR A 149 4.19 -7.63 7.13
CA THR A 149 4.56 -8.46 5.98
C THR A 149 4.99 -7.74 4.71
N PHE A 150 4.21 -6.74 4.28
CA PHE A 150 4.49 -6.02 3.04
C PHE A 150 5.84 -5.35 3.10
N LEU A 151 6.20 -4.82 4.26
CA LEU A 151 7.47 -4.19 4.37
C LEU A 151 8.62 -5.18 4.43
N PHE A 152 8.42 -6.30 5.16
CA PHE A 152 9.44 -7.31 5.20
C PHE A 152 9.69 -7.86 3.82
N GLN A 153 8.65 -8.01 3.03
CA GLN A 153 8.80 -8.47 1.64
C GLN A 153 9.47 -7.39 0.79
N SER A 154 9.09 -6.15 1.03
CA SER A 154 9.62 -5.04 0.26
C SER A 154 11.09 -4.94 0.34
N ILE A 155 11.59 -4.96 1.56
CA ILE A 155 12.96 -4.74 1.73
C ILE A 155 13.79 -5.92 1.18
N THR A 156 13.29 -7.16 1.26
CA THR A 156 14.07 -8.29 0.83
C THR A 156 14.00 -8.36 -0.70
N ALA A 157 12.83 -8.13 -1.24
CA ALA A 157 12.66 -8.08 -2.69
C ALA A 157 13.55 -7.01 -3.28
N ASN A 158 13.53 -5.86 -2.67
CA ASN A 158 14.35 -4.75 -3.14
C ASN A 158 15.84 -5.01 -3.20
N ILE A 159 16.37 -5.85 -2.31
CA ILE A 159 17.76 -6.25 -2.46
C ILE A 159 17.98 -7.02 -3.78
N ILE A 160 17.13 -8.02 -4.04
CA ILE A 160 17.28 -8.79 -5.26
C ILE A 160 16.96 -7.91 -6.48
N CYS A 161 15.98 -7.03 -6.32
CA CYS A 161 15.62 -6.10 -7.38
C CYS A 161 16.81 -5.23 -7.75
N SER A 162 17.64 -4.85 -6.79
CA SER A 162 18.77 -3.98 -7.11
C SER A 162 19.81 -4.72 -7.90
N ILE A 163 19.95 -6.03 -7.66
CA ILE A 163 20.93 -6.81 -8.36
C ILE A 163 20.42 -7.19 -9.76
N VAL A 164 19.17 -7.63 -9.84
CA VAL A 164 18.63 -8.18 -11.06
C VAL A 164 18.18 -7.10 -12.02
N PHE A 165 17.49 -6.07 -11.51
CA PHE A 165 16.86 -5.06 -12.38
C PHE A 165 17.60 -3.73 -12.34
N GLY A 166 18.59 -3.61 -11.46
CA GLY A 166 19.29 -2.36 -11.35
C GLY A 166 18.51 -1.26 -10.67
N LYS A 167 17.44 -1.61 -9.94
CA LYS A 167 16.59 -0.64 -9.30
C LYS A 167 15.84 -1.25 -8.13
N ARG A 168 15.27 -0.37 -7.35
CA ARG A 168 14.32 -0.74 -6.25
C ARG A 168 12.97 -0.16 -6.52
N PHE A 169 11.95 -0.70 -5.87
CA PHE A 169 10.60 -0.21 -5.97
C PHE A 169 10.20 0.47 -4.67
N HIS A 170 9.32 1.46 -4.78
CA HIS A 170 8.97 2.26 -3.62
C HIS A 170 7.93 1.47 -2.92
N TYR A 171 7.92 1.60 -1.62
CA TYR A 171 6.95 0.89 -0.78
C TYR A 171 5.51 1.25 -1.09
N GLN A 172 5.30 2.45 -1.63
CA GLN A 172 3.96 2.91 -2.05
C GLN A 172 3.53 2.47 -3.38
N ASP A 173 4.42 1.83 -4.12
CA ASP A 173 4.07 1.40 -5.43
C ASP A 173 3.09 0.19 -5.37
N GLN A 174 1.84 0.48 -5.70
CA GLN A 174 0.80 -0.56 -5.73
C GLN A 174 1.10 -1.73 -6.67
N GLU A 175 1.81 -1.52 -7.78
CA GLU A 175 2.14 -2.65 -8.66
C GLU A 175 3.22 -3.55 -8.06
N PHE A 176 4.19 -2.94 -7.41
CA PHE A 176 5.12 -3.67 -6.58
C PHE A 176 4.38 -4.46 -5.53
N LEU A 177 3.55 -3.81 -4.75
CA LEU A 177 2.83 -4.54 -3.71
C LEU A 177 1.97 -5.66 -4.22
N LYS A 178 1.37 -5.46 -5.37
CA LYS A 178 0.60 -6.54 -6.00
C LYS A 178 1.46 -7.78 -6.26
N MET A 179 2.69 -7.58 -6.70
CA MET A 179 3.55 -8.69 -7.00
C MET A 179 3.99 -9.34 -5.67
N LEU A 180 4.20 -8.53 -4.67
CA LEU A 180 4.53 -9.06 -3.37
C LEU A 180 3.34 -9.88 -2.78
N ASN A 181 2.12 -9.46 -3.07
CA ASN A 181 0.99 -10.19 -2.61
C ASN A 181 1.03 -11.57 -3.21
N LEU A 182 1.41 -11.67 -4.48
CA LEU A 182 1.39 -12.92 -5.15
C LEU A 182 2.42 -13.87 -4.59
N PHE A 183 3.61 -13.39 -4.29
CA PHE A 183 4.64 -14.20 -3.57
C PHE A 183 4.14 -14.74 -2.22
N TYR A 184 3.53 -13.86 -1.42
CA TYR A 184 2.90 -14.23 -0.14
C TYR A 184 1.80 -15.29 -0.25
N GLN A 185 0.83 -15.10 -1.16
CA GLN A 185 -0.23 -16.02 -1.32
C GLN A 185 0.32 -17.34 -1.87
N THR A 186 1.32 -17.29 -2.73
CA THR A 186 1.74 -18.49 -3.38
C THR A 186 2.46 -19.39 -2.40
N PHE A 187 3.40 -18.82 -1.64
CA PHE A 187 4.12 -19.59 -0.62
C PHE A 187 3.10 -20.26 0.32
N SER A 188 2.08 -19.53 0.72
CA SER A 188 1.04 -20.10 1.62
C SER A 188 0.30 -21.26 1.01
N LEU A 189 -0.14 -21.07 -0.23
CA LEU A 189 -0.86 -22.13 -0.91
C LEU A 189 -0.05 -23.39 -1.10
N ILE A 190 1.22 -23.21 -1.43
CA ILE A 190 2.14 -24.29 -1.60
C ILE A 190 2.29 -25.06 -0.30
N SER A 191 2.26 -24.35 0.81
CA SER A 191 2.53 -24.90 2.13
C SER A 191 1.25 -25.41 2.78
N SER A 192 0.11 -25.23 2.07
CA SER A 192 -1.18 -25.56 2.64
C SER A 192 -1.36 -27.06 2.63
N VAL A 193 -2.42 -27.47 3.29
CA VAL A 193 -2.78 -28.88 3.38
C VAL A 193 -3.04 -29.43 2.01
N PHE A 194 -3.78 -28.68 1.18
CA PHE A 194 -3.97 -29.09 -0.23
C PHE A 194 -2.63 -29.30 -0.91
N GLY A 195 -1.68 -28.37 -0.66
CA GLY A 195 -0.41 -28.49 -1.41
C GLY A 195 0.39 -29.73 -0.99
N GLN A 196 0.28 -30.08 0.28
CA GLN A 196 0.85 -31.31 0.82
C GLN A 196 0.16 -32.57 0.26
N LEU A 197 -1.15 -32.51 0.15
CA LEU A 197 -1.94 -33.58 -0.49
C LEU A 197 -1.61 -33.73 -1.99
N PHE A 198 -1.42 -32.60 -2.64
CA PHE A 198 -1.05 -32.50 -4.03
C PHE A 198 0.30 -33.10 -4.22
N GLU A 199 1.21 -32.97 -3.24
CA GLU A 199 2.46 -33.71 -3.35
C GLU A 199 2.25 -35.24 -3.43
N LEU A 200 1.26 -35.76 -2.74
CA LEU A 200 0.91 -37.20 -2.79
C LEU A 200 0.18 -37.60 -4.10
N PHE A 201 -0.79 -36.79 -4.49
CA PHE A 201 -1.75 -37.19 -5.52
C PHE A 201 -1.94 -36.27 -6.72
N SER A 202 -0.87 -35.60 -7.13
CA SER A 202 -0.96 -34.65 -8.21
C SER A 202 -1.46 -35.31 -9.49
N GLY A 203 -1.07 -36.54 -9.76
CA GLY A 203 -1.55 -37.26 -10.96
C GLY A 203 -3.07 -37.26 -11.05
N PHE A 204 -3.72 -37.45 -9.93
CA PHE A 204 -5.17 -37.40 -9.84
C PHE A 204 -5.72 -35.98 -9.70
N LEU A 205 -5.22 -35.26 -8.71
CA LEU A 205 -5.80 -33.98 -8.34
C LEU A 205 -5.61 -32.87 -9.41
N LYS A 206 -4.64 -33.02 -10.30
CA LYS A 206 -4.31 -31.98 -11.25
C LYS A 206 -5.44 -31.78 -12.24
N HIS A 207 -6.26 -32.81 -12.44
CA HIS A 207 -7.42 -32.72 -13.35
C HIS A 207 -8.57 -31.95 -12.74
N PHE A 208 -8.58 -31.69 -11.44
CA PHE A 208 -9.66 -30.92 -10.85
C PHE A 208 -9.24 -29.47 -10.54
N PRO A 209 -10.21 -28.63 -10.20
CA PRO A 209 -9.87 -27.33 -9.63
C PRO A 209 -9.09 -27.48 -8.35
N GLY A 210 -8.25 -26.49 -8.08
CA GLY A 210 -7.61 -26.40 -6.81
C GLY A 210 -6.52 -25.36 -6.85
N ALA A 211 -5.82 -25.31 -5.72
CA ALA A 211 -4.86 -24.26 -5.47
C ALA A 211 -3.62 -24.40 -6.34
N HIS A 212 -3.40 -25.58 -6.91
CA HIS A 212 -2.34 -25.74 -7.89
C HIS A 212 -2.53 -24.76 -9.06
N ARG A 213 -3.77 -24.61 -9.51
CA ARG A 213 -4.11 -23.72 -10.59
C ARG A 213 -3.91 -22.29 -10.18
N GLN A 214 -4.23 -21.96 -8.93
CA GLN A 214 -4.08 -20.60 -8.50
C GLN A 214 -2.56 -20.25 -8.44
N VAL A 215 -1.73 -21.21 -8.02
CA VAL A 215 -0.28 -21.02 -7.91
C VAL A 215 0.33 -20.83 -9.30
N TYR A 216 -0.14 -21.62 -10.25
CA TYR A 216 0.32 -21.52 -11.62
C TYR A 216 0.03 -20.10 -12.16
N LYS A 217 -1.15 -19.62 -11.86
CA LYS A 217 -1.59 -18.36 -12.33
C LYS A 217 -0.78 -17.22 -11.76
N ASN A 218 -0.62 -17.28 -10.42
CA ASN A 218 0.15 -16.31 -9.71
C ASN A 218 1.55 -16.23 -10.26
N LEU A 219 2.18 -17.39 -10.44
CA LEU A 219 3.53 -17.44 -10.94
C LEU A 219 3.65 -16.83 -12.38
N GLN A 220 2.68 -17.14 -13.21
CA GLN A 220 2.65 -16.57 -14.55
C GLN A 220 2.51 -15.03 -14.51
N GLU A 221 1.72 -14.55 -13.59
CA GLU A 221 1.52 -13.09 -13.45
C GLU A 221 2.82 -12.43 -13.04
N ILE A 222 3.57 -13.04 -12.11
CA ILE A 222 4.86 -12.49 -11.79
C ILE A 222 5.80 -12.57 -12.97
N ASN A 223 5.83 -13.75 -13.58
CA ASN A 223 6.73 -13.97 -14.70
C ASN A 223 6.48 -12.99 -15.89
N ALA A 224 5.23 -12.60 -16.10
CA ALA A 224 4.89 -11.64 -17.19
C ALA A 224 5.76 -10.36 -17.02
N TYR A 225 5.88 -9.88 -15.79
CA TYR A 225 6.73 -8.69 -15.57
C TYR A 225 8.19 -8.93 -15.96
N ILE A 226 8.69 -10.07 -15.54
CA ILE A 226 10.03 -10.42 -15.81
C ILE A 226 10.27 -10.47 -17.33
N GLY A 227 9.41 -11.13 -18.07
CA GLY A 227 9.49 -11.15 -19.55
C GLY A 227 9.65 -9.76 -20.18
N HIS A 228 8.79 -8.87 -19.72
CA HIS A 228 8.73 -7.52 -20.20
C HIS A 228 10.03 -6.81 -19.86
N SER A 229 10.49 -6.98 -18.62
CA SER A 229 11.70 -6.34 -18.22
C SER A 229 12.84 -6.90 -19.07
N VAL A 230 12.84 -8.19 -19.33
CA VAL A 230 13.87 -8.74 -20.19
C VAL A 230 13.85 -8.03 -21.58
N GLU A 231 12.67 -7.83 -22.13
CA GLU A 231 12.55 -7.17 -23.45
C GLU A 231 13.12 -5.77 -23.43
N LYS A 232 12.80 -5.00 -22.37
CA LYS A 232 13.30 -3.62 -22.19
C LYS A 232 14.79 -3.58 -22.07
N HIS A 233 15.35 -4.50 -21.28
CA HIS A 233 16.78 -4.56 -21.16
C HIS A 233 17.40 -4.89 -22.51
N ARG A 234 16.85 -5.86 -23.22
CA ARG A 234 17.44 -6.28 -24.50
C ARG A 234 17.49 -5.02 -25.43
N GLU A 235 16.51 -4.14 -25.30
CA GLU A 235 16.38 -2.98 -26.16
C GLU A 235 17.37 -1.89 -25.87
N THR A 236 17.81 -1.77 -24.63
CA THR A 236 18.74 -0.74 -24.26
C THR A 236 20.10 -1.32 -23.89
N LEU A 237 20.33 -2.59 -24.17
CA LEU A 237 21.49 -3.26 -23.63
C LEU A 237 22.72 -2.63 -24.23
N ASP A 238 23.63 -2.18 -23.39
CA ASP A 238 24.96 -1.77 -23.82
C ASP A 238 26.02 -2.83 -23.49
N PRO A 239 26.50 -3.57 -24.51
CA PRO A 239 27.46 -4.61 -24.19
C PRO A 239 28.67 -4.14 -23.44
N SER A 240 29.05 -2.88 -23.55
CA SER A 240 30.31 -2.41 -22.93
C SER A 240 30.05 -2.09 -21.46
N ALA A 241 28.77 -1.90 -21.12
CA ALA A 241 28.38 -1.47 -19.79
C ALA A 241 27.11 -2.23 -19.32
N PRO A 242 27.24 -3.52 -18.98
CA PRO A 242 26.08 -4.19 -18.42
C PRO A 242 25.63 -3.49 -17.13
N ARG A 243 24.32 -3.35 -16.96
CA ARG A 243 23.79 -2.63 -15.81
C ARG A 243 23.53 -3.55 -14.62
N ASP A 244 23.20 -4.82 -14.89
CA ASP A 244 22.63 -5.68 -13.87
C ASP A 244 22.68 -7.12 -14.34
N LEU A 245 22.08 -7.98 -13.54
CA LEU A 245 22.19 -9.43 -13.76
C LEU A 245 21.52 -9.82 -15.06
N ILE A 246 20.40 -9.19 -15.37
CA ILE A 246 19.77 -9.43 -16.64
C ILE A 246 20.66 -9.15 -17.87
N ASP A 247 21.30 -7.99 -17.92
CA ASP A 247 22.24 -7.71 -19.02
C ASP A 247 23.32 -8.75 -19.11
N THR A 248 23.87 -9.11 -17.96
CA THR A 248 24.95 -10.07 -17.92
C THR A 248 24.51 -11.36 -18.54
N TYR A 249 23.27 -11.76 -18.25
CA TYR A 249 22.77 -12.99 -18.83
C TYR A 249 22.52 -12.82 -20.33
N LEU A 250 21.94 -11.69 -20.72
CA LEU A 250 21.70 -11.41 -22.12
C LEU A 250 23.00 -11.48 -22.90
N LEU A 251 24.09 -11.04 -22.27
CA LEU A 251 25.41 -11.09 -22.90
C LEU A 251 25.80 -12.53 -23.21
N HIS A 252 25.72 -13.38 -22.19
CA HIS A 252 26.02 -14.81 -22.36
C HIS A 252 25.14 -15.39 -23.49
N MET A 253 23.89 -15.00 -23.50
CA MET A 253 22.94 -15.49 -24.46
C MET A 253 23.47 -15.17 -25.86
N GLU A 254 23.91 -13.93 -26.04
CA GLU A 254 24.38 -13.48 -27.35
C GLU A 254 25.64 -14.28 -27.72
N LYS A 255 26.52 -14.47 -26.74
CA LYS A 255 27.72 -15.23 -26.91
C LYS A 255 27.47 -16.68 -27.32
N GLU A 256 26.45 -17.31 -26.78
CA GLU A 256 26.23 -18.73 -27.12
C GLU A 256 25.13 -18.92 -28.18
N LYS A 257 24.70 -17.83 -28.79
CA LYS A 257 23.53 -17.96 -29.68
C LYS A 257 23.65 -18.98 -30.84
N SER A 258 24.85 -19.36 -31.29
CA SER A 258 24.88 -20.31 -32.41
C SER A 258 24.73 -21.75 -31.90
N ASN A 259 24.66 -21.94 -30.58
CA ASN A 259 24.39 -23.22 -29.99
C ASN A 259 22.92 -23.37 -29.65
N ALA A 260 22.20 -24.17 -30.40
CA ALA A 260 20.77 -24.32 -30.15
C ALA A 260 20.46 -24.83 -28.73
N HIS A 261 21.40 -25.58 -28.16
CA HIS A 261 21.31 -26.17 -26.82
C HIS A 261 21.86 -25.32 -25.66
N SER A 262 22.12 -24.05 -25.92
CA SER A 262 22.59 -23.20 -24.89
C SER A 262 21.58 -23.17 -23.80
N GLU A 263 22.11 -23.17 -22.61
CA GLU A 263 21.30 -23.10 -21.39
C GLU A 263 20.93 -21.68 -21.15
N PHE A 264 21.67 -20.71 -21.75
CA PHE A 264 21.24 -19.32 -21.64
C PHE A 264 20.07 -19.00 -22.54
N SER A 265 18.95 -19.63 -22.24
CA SER A 265 17.77 -19.48 -23.02
C SER A 265 16.88 -18.50 -22.31
N HIS A 266 15.84 -18.08 -23.03
CA HIS A 266 14.83 -17.20 -22.48
C HIS A 266 13.98 -17.79 -21.38
N GLN A 267 13.65 -19.08 -21.47
CA GLN A 267 12.91 -19.72 -20.38
C GLN A 267 13.79 -19.79 -19.11
N ASN A 268 15.08 -20.12 -19.26
CA ASN A 268 15.94 -20.12 -18.09
C ASN A 268 16.05 -18.68 -17.56
N LEU A 269 15.94 -17.71 -18.46
CA LEU A 269 16.20 -16.33 -18.02
C LEU A 269 15.00 -15.93 -17.16
N ASN A 270 13.83 -16.09 -17.69
CA ASN A 270 12.64 -15.74 -16.95
C ASN A 270 12.56 -16.53 -15.66
N LEU A 271 12.77 -17.85 -15.72
CA LEU A 271 12.42 -18.69 -14.57
C LEU A 271 13.56 -18.73 -13.57
N ASN A 272 14.79 -18.59 -14.05
CA ASN A 272 15.88 -18.38 -13.13
C ASN A 272 15.63 -17.09 -12.35
N THR A 273 15.19 -16.06 -13.05
CA THR A 273 14.98 -14.76 -12.39
C THR A 273 13.87 -14.84 -11.42
N LEU A 274 12.76 -15.46 -11.82
CA LEU A 274 11.67 -15.61 -10.93
C LEU A 274 12.11 -16.42 -9.69
N SER A 275 12.94 -17.41 -9.90
CA SER A 275 13.43 -18.28 -8.86
C SER A 275 14.16 -17.44 -7.83
N LEU A 276 15.05 -16.57 -8.30
CA LEU A 276 15.90 -15.77 -7.40
C LEU A 276 15.03 -14.86 -6.56
N PHE A 277 14.04 -14.26 -7.19
CA PHE A 277 13.10 -13.40 -6.51
C PHE A 277 12.25 -14.13 -5.47
N PHE A 278 11.71 -15.28 -5.85
CA PHE A 278 10.89 -16.06 -4.95
C PHE A 278 11.68 -16.50 -3.71
N ALA A 279 12.86 -17.07 -3.95
CA ALA A 279 13.71 -17.50 -2.89
C ALA A 279 14.31 -16.33 -2.10
N GLY A 280 14.72 -15.30 -2.79
CA GLY A 280 15.26 -14.10 -2.16
C GLY A 280 14.29 -13.29 -1.29
N THR A 281 13.02 -13.28 -1.66
CA THR A 281 12.01 -12.48 -0.98
C THR A 281 11.34 -13.19 0.13
N GLU A 282 10.76 -14.36 -0.18
CA GLU A 282 9.79 -14.95 0.69
C GLU A 282 10.45 -15.67 1.89
N THR A 283 11.66 -16.09 1.72
CA THR A 283 12.41 -16.77 2.75
C THR A 283 12.74 -15.78 3.90
N THR A 284 13.55 -14.80 3.59
CA THR A 284 13.96 -13.79 4.53
C THR A 284 12.82 -13.02 5.10
N SER A 285 11.84 -12.71 4.27
CA SER A 285 10.66 -12.03 4.72
C SER A 285 9.96 -12.82 5.80
N THR A 286 9.79 -14.11 5.55
CA THR A 286 9.05 -14.96 6.47
C THR A 286 9.88 -15.06 7.79
N THR A 287 11.16 -15.11 7.64
CA THR A 287 12.02 -15.21 8.83
C THR A 287 11.86 -13.91 9.67
N LEU A 288 11.73 -12.77 9.01
CA LEU A 288 11.64 -11.47 9.76
C LEU A 288 10.29 -11.43 10.38
N ARG A 289 9.26 -11.86 9.64
CA ARG A 289 7.93 -11.92 10.26
C ARG A 289 7.94 -12.73 11.58
N TYR A 290 8.49 -13.94 11.55
CA TYR A 290 8.61 -14.72 12.77
C TYR A 290 9.48 -14.04 13.79
N GLY A 291 10.59 -13.52 13.33
CA GLY A 291 11.49 -12.78 14.17
C GLY A 291 10.78 -11.70 15.01
N PHE A 292 9.93 -10.90 14.39
CA PHE A 292 9.28 -9.82 15.15
C PHE A 292 8.08 -10.27 16.00
N LEU A 293 7.43 -11.34 15.57
CA LEU A 293 6.41 -11.93 16.40
C LEU A 293 7.11 -12.45 17.69
N LEU A 294 8.25 -13.10 17.52
CA LEU A 294 9.06 -13.59 18.65
C LEU A 294 9.51 -12.45 19.57
N MET A 295 9.87 -11.32 18.95
CA MET A 295 10.21 -10.12 19.78
C MET A 295 9.02 -9.60 20.55
N LEU A 296 7.82 -9.69 19.99
CA LEU A 296 6.62 -9.30 20.74
C LEU A 296 6.32 -10.25 21.90
N LYS A 297 6.63 -11.55 21.73
CA LYS A 297 6.34 -12.50 22.75
C LYS A 297 7.41 -12.48 23.86
N TYR A 298 8.65 -12.12 23.51
CA TYR A 298 9.77 -12.12 24.39
C TYR A 298 10.44 -10.76 24.38
N PRO A 299 9.76 -9.77 24.97
CA PRO A 299 10.24 -8.41 24.94
C PRO A 299 11.54 -8.25 25.69
N HIS A 300 11.83 -9.10 26.67
CA HIS A 300 13.10 -9.02 27.35
C HIS A 300 14.26 -9.30 26.38
N VAL A 301 14.05 -10.15 25.39
CA VAL A 301 15.12 -10.47 24.44
C VAL A 301 15.39 -9.26 23.56
N ALA A 302 14.34 -8.66 23.07
CA ALA A 302 14.46 -7.43 22.25
C ALA A 302 15.14 -6.28 23.03
N GLU A 303 14.81 -6.13 24.32
CA GLU A 303 15.43 -5.11 25.21
C GLU A 303 16.88 -5.38 25.35
N ARG A 304 17.22 -6.69 25.49
CA ARG A 304 18.58 -7.11 25.56
C ARG A 304 19.37 -6.92 24.30
N VAL A 305 18.75 -7.25 23.18
CA VAL A 305 19.35 -6.81 21.87
C VAL A 305 19.57 -5.28 21.87
N TYR A 306 18.60 -4.53 22.30
CA TYR A 306 18.73 -3.06 22.19
C TYR A 306 19.91 -2.56 23.02
N ARG A 307 20.12 -3.17 24.20
CA ARG A 307 21.27 -2.84 25.02
C ARG A 307 22.55 -3.06 24.31
N GLU A 308 22.66 -4.19 23.63
CA GLU A 308 23.84 -4.51 22.92
C GLU A 308 24.06 -3.57 21.75
N ILE A 309 22.98 -3.25 21.03
CA ILE A 309 23.07 -2.21 20.01
C ILE A 309 23.61 -0.89 20.60
N GLU A 310 23.03 -0.46 21.71
CA GLU A 310 23.48 0.79 22.33
C GLU A 310 24.93 0.80 22.63
N GLN A 311 25.38 -0.32 23.23
CA GLN A 311 26.72 -0.45 23.76
C GLN A 311 27.72 -0.65 22.67
N VAL A 312 27.30 -1.29 21.58
CA VAL A 312 28.23 -1.57 20.47
C VAL A 312 28.14 -0.56 19.35
N ILE A 313 26.94 -0.14 18.95
CA ILE A 313 26.77 0.69 17.77
C ILE A 313 26.45 2.14 18.23
N GLY A 314 25.65 2.29 19.26
CA GLY A 314 25.06 3.51 19.61
C GLY A 314 23.80 3.79 18.85
N PRO A 315 23.13 4.88 19.20
CA PRO A 315 21.83 5.26 18.66
C PRO A 315 21.83 5.85 17.25
N HIS A 316 22.98 6.22 16.68
CA HIS A 316 22.98 7.08 15.49
C HIS A 316 23.59 6.39 14.31
N ARG A 317 24.75 5.78 14.53
CA ARG A 317 25.50 5.24 13.44
C ARG A 317 24.85 3.95 12.84
N PRO A 318 24.74 3.85 11.52
CA PRO A 318 23.97 2.73 10.97
C PRO A 318 24.71 1.45 11.26
N PRO A 319 24.00 0.38 11.67
CA PRO A 319 24.66 -0.90 11.84
C PRO A 319 25.38 -1.27 10.55
N GLU A 320 26.50 -1.96 10.72
CA GLU A 320 27.32 -2.47 9.64
C GLU A 320 27.78 -3.89 9.98
N LEU A 321 28.00 -4.68 8.93
CA LEU A 321 28.41 -6.07 9.04
C LEU A 321 29.59 -6.34 9.95
N HIS A 322 30.54 -5.41 9.97
CA HIS A 322 31.63 -5.46 10.94
C HIS A 322 31.10 -5.61 12.37
N ASP A 323 29.99 -4.96 12.67
CA ASP A 323 29.40 -5.04 14.04
C ASP A 323 29.06 -6.45 14.53
N ARG A 324 28.90 -7.42 13.63
CA ARG A 324 28.47 -8.76 14.03
C ARG A 324 29.35 -9.37 15.06
N ALA A 325 30.63 -9.28 14.81
CA ALA A 325 31.63 -9.90 15.66
C ALA A 325 31.51 -9.49 17.09
N LYS A 326 31.05 -8.27 17.32
CA LYS A 326 30.96 -7.74 18.64
C LYS A 326 29.61 -7.83 19.21
N MET A 327 28.65 -8.46 18.52
CA MET A 327 27.30 -8.50 19.02
C MET A 327 26.82 -9.96 19.08
N PRO A 328 27.46 -10.77 19.92
CA PRO A 328 27.10 -12.16 20.02
C PRO A 328 25.68 -12.38 20.48
N TYR A 329 25.13 -11.48 21.29
CA TYR A 329 23.81 -11.77 21.79
C TYR A 329 22.82 -11.64 20.61
N THR A 330 22.98 -10.57 19.83
CA THR A 330 22.14 -10.29 18.69
C THR A 330 22.30 -11.43 17.60
N GLU A 331 23.52 -11.85 17.31
CA GLU A 331 23.73 -12.93 16.40
C GLU A 331 23.05 -14.20 16.92
N ALA A 332 23.15 -14.46 18.23
CA ALA A 332 22.45 -15.59 18.86
C ALA A 332 20.95 -15.57 18.71
N VAL A 333 20.34 -14.41 18.95
CA VAL A 333 18.93 -14.20 18.76
C VAL A 333 18.52 -14.46 17.31
N ILE A 334 19.30 -13.98 16.37
CA ILE A 334 19.00 -14.28 14.90
C ILE A 334 19.19 -15.76 14.57
N TYR A 335 20.25 -16.39 15.06
CA TYR A 335 20.38 -17.82 14.89
C TYR A 335 19.12 -18.49 15.47
N GLU A 336 18.66 -18.06 16.62
CA GLU A 336 17.60 -18.74 17.28
C GLU A 336 16.32 -18.48 16.58
N ILE A 337 16.14 -17.26 16.05
CA ILE A 337 14.98 -16.98 15.18
C ILE A 337 14.93 -17.97 14.02
N GLN A 338 16.04 -18.11 13.32
CA GLN A 338 16.13 -19.04 12.20
C GLN A 338 15.94 -20.52 12.58
N ARG A 339 16.45 -20.91 13.77
CA ARG A 339 16.29 -22.24 14.24
C ARG A 339 14.82 -22.52 14.56
N PHE A 340 14.22 -21.64 15.35
CA PHE A 340 12.87 -21.81 15.82
C PHE A 340 11.91 -21.70 14.64
N SER A 341 12.13 -20.72 13.79
CA SER A 341 11.21 -20.51 12.68
C SER A 341 11.29 -21.59 11.60
N ASP A 342 12.38 -22.33 11.44
CA ASP A 342 12.37 -23.63 10.75
C ASP A 342 11.64 -23.45 9.41
N LEU A 343 12.16 -22.54 8.61
CA LEU A 343 11.47 -22.06 7.37
C LEU A 343 11.02 -23.18 6.46
N LEU A 344 11.93 -24.07 6.19
CA LEU A 344 11.73 -25.17 5.31
C LEU A 344 12.03 -26.43 6.06
N PRO A 345 11.04 -26.92 6.82
CA PRO A 345 11.25 -28.06 7.68
C PRO A 345 11.75 -29.29 6.96
N MET A 346 11.37 -29.45 5.70
CA MET A 346 11.73 -30.59 4.89
C MET A 346 12.71 -30.19 3.84
N GLY A 347 13.34 -29.04 4.02
CA GLY A 347 14.18 -28.49 3.00
C GLY A 347 13.46 -28.41 1.63
N VAL A 348 14.24 -28.64 0.57
CA VAL A 348 13.72 -28.68 -0.82
C VAL A 348 14.08 -30.06 -1.30
N PRO A 349 13.13 -30.77 -1.89
CA PRO A 349 13.41 -32.16 -2.28
C PRO A 349 14.68 -32.32 -3.13
N HIS A 350 15.45 -33.36 -2.89
CA HIS A 350 16.56 -33.78 -3.68
C HIS A 350 16.15 -35.09 -4.39
N ILE A 351 17.04 -35.61 -5.23
CA ILE A 351 16.81 -36.89 -5.89
C ILE A 351 18.16 -37.49 -6.23
N VAL A 352 18.38 -38.75 -5.84
CA VAL A 352 19.66 -39.42 -6.11
C VAL A 352 19.95 -39.40 -7.61
N THR A 353 21.21 -39.17 -7.97
CA THR A 353 21.58 -39.10 -9.39
C THR A 353 22.29 -40.41 -9.85
N GLN A 354 22.57 -41.30 -8.90
CA GLN A 354 23.10 -42.63 -9.23
C GLN A 354 22.75 -43.59 -8.14
N HIS A 355 22.73 -44.91 -8.42
CA HIS A 355 22.49 -45.93 -7.39
C HIS A 355 23.49 -45.66 -6.30
N THR A 356 23.03 -45.59 -5.06
CA THR A 356 23.87 -45.24 -3.93
C THR A 356 23.63 -46.19 -2.77
N SER A 357 24.70 -46.54 -2.09
CA SER A 357 24.55 -47.27 -0.85
C SER A 357 24.52 -46.24 0.24
N PHE A 358 23.61 -46.45 1.17
CA PHE A 358 23.50 -45.54 2.27
C PHE A 358 23.12 -46.29 3.50
N ARG A 359 24.05 -46.35 4.45
CA ARG A 359 23.85 -47.07 5.70
C ARG A 359 23.30 -48.45 5.49
N GLY A 360 23.88 -49.15 4.52
CA GLY A 360 23.51 -50.55 4.21
C GLY A 360 22.24 -50.68 3.38
N TYR A 361 21.66 -49.55 2.97
CA TYR A 361 20.55 -49.60 2.03
C TYR A 361 21.06 -49.28 0.66
N ILE A 362 20.25 -49.61 -0.33
CA ILE A 362 20.57 -49.24 -1.69
C ILE A 362 19.49 -48.33 -2.10
N ILE A 363 19.86 -47.13 -2.48
CA ILE A 363 18.87 -46.16 -2.92
C ILE A 363 19.08 -45.97 -4.40
N PRO A 364 18.13 -46.43 -5.18
CA PRO A 364 18.37 -46.38 -6.63
C PRO A 364 18.33 -44.98 -7.22
N LYS A 365 19.10 -44.80 -8.29
CA LYS A 365 18.98 -43.68 -9.17
C LYS A 365 17.56 -43.15 -9.31
N ASP A 366 17.43 -41.83 -9.21
CA ASP A 366 16.16 -41.11 -9.36
C ASP A 366 15.22 -41.19 -8.20
N THR A 367 15.59 -41.81 -7.09
CA THR A 367 14.72 -41.84 -5.93
C THR A 367 14.76 -40.43 -5.28
N GLU A 368 13.60 -39.92 -4.96
CA GLU A 368 13.44 -38.68 -4.23
C GLU A 368 13.89 -38.86 -2.79
N VAL A 369 14.59 -37.84 -2.28
CA VAL A 369 15.10 -37.80 -0.90
C VAL A 369 14.72 -36.48 -0.24
N PHE A 370 14.08 -36.51 0.94
CA PHE A 370 13.82 -35.29 1.67
C PHE A 370 14.81 -35.29 2.83
N LEU A 371 15.60 -34.21 2.96
CA LEU A 371 16.42 -34.03 4.10
C LEU A 371 15.57 -33.23 5.08
N ILE A 372 15.29 -33.81 6.25
CA ILE A 372 14.31 -33.17 7.19
C ILE A 372 15.08 -32.26 8.15
N LEU A 373 15.48 -31.13 7.57
CA LEU A 373 16.31 -30.14 8.23
C LEU A 373 15.72 -29.78 9.61
N SER A 374 14.42 -29.85 9.76
CA SER A 374 13.74 -29.57 11.08
C SER A 374 14.25 -30.46 12.20
N THR A 375 14.57 -31.72 11.86
CA THR A 375 15.15 -32.59 12.84
C THR A 375 16.53 -32.21 13.34
N ALA A 376 17.37 -31.60 12.49
CA ALA A 376 18.59 -31.02 12.95
C ALA A 376 18.40 -29.76 13.80
N LEU A 377 17.47 -28.92 13.38
CA LEU A 377 17.26 -27.68 14.07
C LEU A 377 16.58 -27.91 15.41
N HIS A 378 15.98 -29.07 15.63
CA HIS A 378 15.34 -29.39 16.90
C HIS A 378 16.00 -30.52 17.64
N ASP A 379 17.25 -30.75 17.32
CA ASP A 379 17.95 -31.88 17.87
C ASP A 379 18.25 -31.59 19.32
N PRO A 380 17.69 -32.41 20.23
CA PRO A 380 17.85 -32.16 21.66
C PRO A 380 19.27 -32.34 22.24
N HIS A 381 20.19 -32.99 21.55
CA HIS A 381 21.53 -33.10 21.97
C HIS A 381 22.23 -31.77 21.76
N TYR A 382 21.86 -31.03 20.73
CA TYR A 382 22.54 -29.78 20.42
C TYR A 382 21.79 -28.62 20.99
N PHE A 383 20.48 -28.78 21.23
CA PHE A 383 19.64 -27.72 21.75
C PHE A 383 18.74 -28.17 22.86
N GLU A 384 19.10 -27.85 24.11
CA GLU A 384 18.31 -28.25 25.24
C GLU A 384 16.93 -27.66 25.12
N LYS A 385 15.88 -28.44 25.27
CA LYS A 385 14.55 -27.84 25.14
C LYS A 385 14.32 -27.16 23.74
N PRO A 386 14.38 -27.98 22.70
CA PRO A 386 14.42 -27.47 21.33
C PRO A 386 13.15 -26.82 20.83
N ASP A 387 12.00 -27.03 21.51
CA ASP A 387 10.75 -26.49 21.05
C ASP A 387 10.51 -25.08 21.53
N ALA A 388 11.38 -24.61 22.41
CA ALA A 388 11.25 -23.29 23.00
C ALA A 388 12.20 -22.30 22.28
N PHE A 389 11.76 -21.07 22.18
CA PHE A 389 12.59 -20.00 21.71
C PHE A 389 13.51 -19.55 22.84
N ASN A 390 14.77 -19.75 22.63
CA ASN A 390 15.73 -19.35 23.62
C ASN A 390 17.05 -19.02 23.01
N PRO A 391 17.44 -17.73 22.95
CA PRO A 391 18.72 -17.42 22.41
C PRO A 391 19.92 -18.09 23.04
N ASP A 392 19.83 -18.53 24.28
CA ASP A 392 20.99 -19.21 24.88
C ASP A 392 21.34 -20.48 24.20
N HIS A 393 20.44 -20.97 23.32
CA HIS A 393 20.77 -22.09 22.45
C HIS A 393 22.01 -21.83 21.67
N PHE A 394 22.35 -20.55 21.50
CA PHE A 394 23.52 -20.18 20.73
C PHE A 394 24.55 -19.35 21.48
N LEU A 395 24.57 -19.47 22.81
CA LEU A 395 25.58 -18.84 23.64
C LEU A 395 26.18 -19.84 24.63
N ASP A 396 27.43 -19.65 24.99
CA ASP A 396 28.10 -20.40 26.07
C ASP A 396 27.92 -19.69 27.38
N ALA A 397 28.47 -20.25 28.47
CA ALA A 397 28.27 -19.62 29.81
C ALA A 397 28.82 -18.20 29.91
N ASN A 398 29.87 -17.91 29.15
CA ASN A 398 30.38 -16.52 29.08
C ASN A 398 29.63 -15.56 28.19
N GLY A 399 28.55 -16.02 27.55
CA GLY A 399 27.81 -15.14 26.66
C GLY A 399 28.48 -14.91 25.32
N ALA A 400 29.41 -15.76 24.99
CA ALA A 400 29.98 -15.77 23.68
C ALA A 400 29.11 -16.63 22.73
N LEU A 401 29.19 -16.28 21.46
CA LEU A 401 28.42 -16.93 20.44
C LEU A 401 28.86 -18.39 20.36
N LYS A 402 27.91 -19.30 20.30
CA LYS A 402 28.22 -20.73 20.25
C LYS A 402 27.48 -21.27 19.02
N LYS A 403 28.18 -21.36 17.92
CA LYS A 403 27.66 -21.92 16.69
C LYS A 403 27.70 -23.41 16.85
N THR A 404 26.94 -24.11 16.02
CA THR A 404 26.87 -25.57 16.12
C THR A 404 26.65 -26.11 14.74
N GLU A 405 27.21 -27.28 14.49
CA GLU A 405 27.01 -27.91 13.22
C GLU A 405 25.58 -28.42 13.00
N ALA A 406 24.72 -28.39 14.00
CA ALA A 406 23.30 -28.68 13.80
C ALA A 406 22.47 -27.59 13.12
N PHE A 407 23.02 -26.40 13.06
CA PHE A 407 22.28 -25.30 12.58
C PHE A 407 22.43 -25.35 11.07
N ILE A 408 21.49 -25.99 10.39
CA ILE A 408 21.55 -26.12 8.95
C ILE A 408 20.30 -25.71 8.26
N PRO A 409 19.79 -24.50 8.56
CA PRO A 409 18.55 -24.04 7.92
C PRO A 409 18.64 -23.73 6.40
N PHE A 410 19.87 -23.53 5.91
CA PHE A 410 20.18 -23.36 4.46
C PHE A 410 20.60 -24.66 3.80
N SER A 411 20.44 -25.79 4.49
CA SER A 411 20.95 -27.07 4.05
C SER A 411 22.47 -27.13 3.97
N LEU A 412 22.95 -28.12 3.20
CA LEU A 412 24.33 -28.41 3.01
C LEU A 412 24.65 -28.92 1.59
N GLY A 413 25.92 -28.85 1.25
CA GLY A 413 26.51 -29.55 0.11
C GLY A 413 26.26 -28.75 -1.14
N LYS A 414 26.06 -29.42 -2.26
CA LYS A 414 26.15 -28.72 -3.56
C LYS A 414 25.04 -27.76 -3.83
N ARG A 415 23.88 -28.05 -3.25
CA ARG A 415 22.68 -27.28 -3.47
C ARG A 415 22.41 -26.31 -2.32
N ILE A 416 23.35 -26.19 -1.40
CA ILE A 416 23.23 -25.29 -0.29
C ILE A 416 22.72 -23.95 -0.78
N CYS A 417 21.88 -23.34 0.02
CA CYS A 417 21.29 -22.08 -0.32
C CYS A 417 22.36 -21.16 -0.85
N LEU A 418 22.19 -20.72 -2.08
CA LEU A 418 23.14 -19.83 -2.66
C LEU A 418 23.00 -18.42 -2.16
N GLY A 419 21.92 -18.14 -1.49
CA GLY A 419 21.74 -16.81 -0.94
C GLY A 419 22.08 -16.73 0.53
N GLU A 420 22.76 -17.74 1.07
CA GLU A 420 23.01 -17.76 2.52
C GLU A 420 23.62 -16.43 3.02
N GLY A 421 24.62 -15.96 2.30
CA GLY A 421 25.45 -14.81 2.68
C GLY A 421 24.59 -13.58 2.72
N ILE A 422 23.77 -13.45 1.70
CA ILE A 422 22.92 -12.33 1.58
C ILE A 422 21.86 -12.37 2.62
N ALA A 423 21.27 -13.56 2.87
CA ALA A 423 20.19 -13.61 3.84
C ALA A 423 20.68 -13.28 5.25
N ARG A 424 21.86 -13.74 5.59
CA ARG A 424 22.40 -13.44 6.93
C ARG A 424 22.71 -11.98 7.09
N ALA A 425 23.19 -11.36 6.03
CA ALA A 425 23.44 -9.89 6.03
C ALA A 425 22.18 -9.17 6.19
N GLU A 426 21.15 -9.58 5.44
CA GLU A 426 19.85 -8.95 5.52
C GLU A 426 19.25 -9.07 6.93
N LEU A 427 19.27 -10.29 7.45
CA LEU A 427 18.68 -10.51 8.78
C LEU A 427 19.41 -9.64 9.82
N PHE A 428 20.73 -9.65 9.78
CA PHE A 428 21.46 -8.87 10.74
C PHE A 428 21.20 -7.34 10.60
N LEU A 429 21.31 -6.83 9.40
CA LEU A 429 21.18 -5.38 9.19
C LEU A 429 19.78 -4.90 9.33
N PHE A 430 18.79 -5.62 8.76
CA PHE A 430 17.47 -5.21 8.98
C PHE A 430 17.07 -5.30 10.43
N PHE A 431 17.34 -6.42 11.07
CA PHE A 431 16.96 -6.55 12.45
C PHE A 431 17.59 -5.45 13.37
N THR A 432 18.90 -5.28 13.33
CA THR A 432 19.55 -4.30 14.20
C THR A 432 19.16 -2.89 13.83
N THR A 433 19.03 -2.58 12.53
CA THR A 433 18.65 -1.18 12.18
C THR A 433 17.22 -0.82 12.66
N ILE A 434 16.31 -1.77 12.62
CA ILE A 434 15.00 -1.53 13.13
C ILE A 434 15.10 -1.36 14.65
N LEU A 435 15.74 -2.30 15.33
CA LEU A 435 15.78 -2.26 16.82
C LEU A 435 16.51 -1.04 17.33
N GLN A 436 17.52 -0.61 16.59
CA GLN A 436 18.23 0.63 16.94
C GLN A 436 17.33 1.80 16.99
N ASN A 437 16.33 1.89 16.10
CA ASN A 437 15.50 3.07 16.02
C ASN A 437 14.13 2.90 16.61
N PHE A 438 13.67 1.68 16.86
CA PHE A 438 12.31 1.46 17.34
C PHE A 438 12.20 0.32 18.35
N SER A 439 11.27 0.44 19.28
CA SER A 439 10.83 -0.66 20.11
C SER A 439 9.46 -1.07 19.54
N MET A 440 8.98 -2.23 19.95
CA MET A 440 7.78 -2.80 19.32
C MET A 440 6.67 -2.89 20.33
N ALA A 441 5.44 -2.75 19.89
CA ALA A 441 4.30 -2.99 20.77
C ALA A 441 3.21 -3.61 19.94
N SER A 442 2.23 -4.18 20.62
CA SER A 442 1.07 -4.62 19.93
C SER A 442 -0.08 -4.79 20.92
N PRO A 443 -1.31 -4.94 20.43
CA PRO A 443 -2.45 -5.15 21.32
C PRO A 443 -2.48 -6.50 22.03
N VAL A 444 -1.65 -7.45 21.62
CA VAL A 444 -1.68 -8.78 22.24
C VAL A 444 -0.58 -8.81 23.28
N ALA A 445 -0.93 -9.10 24.55
CA ALA A 445 0.06 -9.29 25.57
C ALA A 445 0.96 -10.51 25.27
N PRO A 446 2.24 -10.47 25.68
CA PRO A 446 3.22 -11.50 25.36
C PRO A 446 2.78 -12.91 25.68
N GLU A 447 2.12 -13.10 26.82
CA GLU A 447 1.64 -14.44 27.24
C GLU A 447 0.63 -14.95 26.24
N ASP A 448 -0.15 -14.07 25.64
CA ASP A 448 -1.21 -14.51 24.71
C ASP A 448 -0.74 -14.67 23.25
N ILE A 449 0.50 -14.29 22.93
CA ILE A 449 0.96 -14.38 21.58
C ILE A 449 1.10 -15.84 21.22
N ASP A 450 0.43 -16.21 20.14
CA ASP A 450 0.41 -17.56 19.68
C ASP A 450 1.38 -17.72 18.48
N LEU A 451 2.32 -18.60 18.62
CA LEU A 451 3.36 -18.79 17.60
C LEU A 451 3.07 -19.92 16.64
N THR A 452 1.91 -20.55 16.81
CA THR A 452 1.51 -21.60 15.95
C THR A 452 1.47 -21.17 14.51
N PRO A 453 2.15 -21.90 13.63
CA PRO A 453 2.20 -21.44 12.26
C PRO A 453 0.83 -21.45 11.62
N GLN A 454 0.59 -20.46 10.77
CA GLN A 454 -0.60 -20.42 9.93
C GLN A 454 -0.57 -21.54 8.88
N GLU A 455 0.59 -21.85 8.34
CA GLU A 455 0.75 -23.00 7.46
C GLU A 455 2.02 -23.69 7.86
N CYS A 456 2.05 -25.00 7.67
CA CYS A 456 3.22 -25.75 7.89
C CYS A 456 3.28 -26.89 6.91
N GLY A 457 4.02 -26.68 5.83
CA GLY A 457 4.23 -27.66 4.78
C GLY A 457 5.63 -27.48 4.24
N VAL A 458 5.78 -27.28 2.95
CA VAL A 458 7.10 -26.98 2.40
C VAL A 458 7.70 -25.80 3.17
N GLY A 459 6.86 -24.79 3.43
CA GLY A 459 7.24 -23.61 4.23
C GLY A 459 6.45 -23.63 5.55
N LYS A 460 7.13 -23.19 6.59
CA LYS A 460 6.49 -22.87 7.86
C LYS A 460 6.27 -21.34 7.88
N ILE A 461 5.00 -20.98 7.97
CA ILE A 461 4.56 -19.65 7.79
C ILE A 461 3.83 -19.17 9.04
N PRO A 462 4.32 -18.10 9.64
CA PRO A 462 3.71 -17.57 10.87
C PRO A 462 2.35 -16.96 10.66
N PRO A 463 1.55 -16.87 11.74
CA PRO A 463 0.29 -16.26 11.61
C PRO A 463 0.48 -14.75 11.33
N THR A 464 -0.52 -14.12 10.76
CA THR A 464 -0.62 -12.65 10.69
C THR A 464 -0.71 -12.08 12.06
N TYR A 465 -0.17 -10.88 12.25
CA TYR A 465 -0.23 -10.23 13.49
C TYR A 465 -0.06 -8.70 13.26
N GLN A 466 -0.57 -7.93 14.21
CA GLN A 466 -0.39 -6.46 14.17
C GLN A 466 0.80 -6.10 15.03
N ILE A 467 1.51 -5.06 14.61
CA ILE A 467 2.60 -4.55 15.37
C ILE A 467 2.67 -3.01 15.16
N ARG A 468 3.22 -2.30 16.15
CA ARG A 468 3.61 -0.90 16.06
C ARG A 468 5.09 -0.81 16.27
N PHE A 469 5.71 0.12 15.56
CA PHE A 469 7.10 0.45 15.76
C PHE A 469 7.18 1.80 16.45
N LEU A 470 7.66 1.81 17.69
CA LEU A 470 7.66 3.04 18.46
C LEU A 470 9.04 3.71 18.39
N PRO A 471 9.07 4.95 17.92
CA PRO A 471 10.38 5.61 17.77
C PRO A 471 11.08 5.69 19.10
N ARG A 472 12.37 5.45 19.13
CA ARG A 472 13.08 5.71 20.35
C ARG A 472 13.48 7.23 20.47
N LYS B 10 5.14 11.35 -28.77
CA LYS B 10 5.81 12.33 -27.88
C LYS B 10 4.80 13.03 -26.94
N LEU B 11 5.32 13.68 -25.90
CA LEU B 11 4.44 14.36 -24.98
C LEU B 11 3.78 15.56 -25.63
N PRO B 12 2.62 15.97 -25.11
CA PRO B 12 2.11 17.23 -25.56
C PRO B 12 3.16 18.33 -25.49
N PRO B 13 3.07 19.31 -26.40
CA PRO B 13 3.99 20.44 -26.44
C PRO B 13 3.87 21.34 -25.24
N GLY B 14 4.85 22.19 -25.00
CA GLY B 14 4.75 23.18 -23.96
C GLY B 14 6.04 23.99 -23.92
N PRO B 15 6.17 24.90 -22.97
CA PRO B 15 7.38 25.66 -22.87
C PRO B 15 8.59 24.78 -22.59
N ARG B 16 9.73 25.22 -23.12
CA ARG B 16 10.93 24.39 -23.06
C ARG B 16 11.47 24.50 -21.65
N PRO B 17 11.79 23.39 -21.05
CA PRO B 17 12.19 23.46 -19.67
C PRO B 17 13.69 23.58 -19.53
N LEU B 18 14.13 23.99 -18.33
CA LEU B 18 15.53 23.83 -17.87
C LEU B 18 15.74 22.64 -16.97
N PRO B 19 16.96 22.07 -17.00
CA PRO B 19 17.29 21.08 -16.00
C PRO B 19 17.08 21.66 -14.60
N LEU B 20 16.68 20.80 -13.66
CA LEU B 20 16.41 21.20 -12.25
C LEU B 20 15.15 22.09 -12.04
N LEU B 21 15.11 23.21 -12.76
CA LEU B 21 14.11 24.23 -12.57
C LEU B 21 12.80 23.95 -13.33
N GLY B 22 12.82 23.04 -14.28
CA GLY B 22 11.70 22.77 -15.13
C GLY B 22 11.35 24.05 -15.82
N ASN B 23 10.07 24.42 -15.82
CA ASN B 23 9.61 25.64 -16.46
C ASN B 23 9.39 26.69 -15.46
N LEU B 24 10.12 26.64 -14.34
CA LEU B 24 9.97 27.70 -13.34
C LEU B 24 10.01 29.08 -13.93
N LEU B 25 10.93 29.33 -14.85
CA LEU B 25 11.15 30.72 -15.25
C LEU B 25 10.08 31.23 -16.21
N GLN B 26 9.30 30.33 -16.73
CA GLN B 26 8.10 30.70 -17.49
C GLN B 26 6.81 30.77 -16.70
N MET B 27 6.87 30.55 -15.38
CA MET B 27 5.61 30.51 -14.57
C MET B 27 5.23 31.91 -14.26
N ASP B 28 3.99 32.09 -13.83
CA ASP B 28 3.45 33.37 -13.40
C ASP B 28 3.45 33.39 -11.89
N ARG B 29 3.89 34.48 -11.30
CA ARG B 29 4.12 34.47 -9.84
C ARG B 29 2.82 34.48 -9.09
N ARG B 30 1.75 34.72 -9.78
CA ARG B 30 0.42 34.67 -9.17
C ARG B 30 -0.06 33.26 -8.95
N GLY B 31 0.64 32.27 -9.50
CA GLY B 31 0.41 30.89 -9.10
C GLY B 31 0.40 29.89 -10.21
N LEU B 32 0.07 28.65 -9.84
CA LEU B 32 0.05 27.60 -10.81
C LEU B 32 -1.05 27.75 -11.86
N LEU B 33 -2.25 28.09 -11.43
CA LEU B 33 -3.37 28.09 -12.32
C LEU B 33 -3.12 29.20 -13.34
N LYS B 34 -2.74 30.38 -12.86
CA LYS B 34 -2.50 31.52 -13.74
C LYS B 34 -1.38 31.18 -14.73
N SER B 35 -0.36 30.48 -14.27
CA SER B 35 0.71 30.00 -15.11
C SER B 35 0.20 29.13 -16.21
N PHE B 36 -0.68 28.22 -15.83
CA PHE B 36 -1.20 27.28 -16.76
C PHE B 36 -2.13 27.89 -17.78
N LEU B 37 -2.97 28.78 -17.33
CA LEU B 37 -3.85 29.55 -18.22
C LEU B 37 -3.08 30.37 -19.26
N ARG B 38 -1.94 30.87 -18.85
CA ARG B 38 -1.06 31.58 -19.81
C ARG B 38 -0.49 30.59 -20.84
N PHE B 39 -0.08 29.37 -20.40
CA PHE B 39 0.35 28.34 -21.36
C PHE B 39 -0.70 27.92 -22.34
N ARG B 40 -1.93 27.87 -21.87
CA ARG B 40 -3.03 27.47 -22.71
C ARG B 40 -3.21 28.48 -23.89
N GLU B 41 -2.99 29.77 -23.62
CA GLU B 41 -3.14 30.80 -24.64
C GLU B 41 -2.23 30.39 -25.79
N LYS B 42 -0.99 30.04 -25.46
CA LYS B 42 0.00 29.67 -26.48
C LYS B 42 -0.18 28.26 -27.07
N TYR B 43 -0.42 27.26 -26.22
CA TYR B 43 -0.31 25.86 -26.65
C TYR B 43 -1.64 25.13 -26.89
N GLY B 44 -2.75 25.69 -26.44
CA GLY B 44 -4.07 25.08 -26.59
C GLY B 44 -4.42 24.30 -25.33
N ASP B 45 -5.24 23.27 -25.53
CA ASP B 45 -5.97 22.66 -24.42
C ASP B 45 -5.19 21.52 -23.82
N VAL B 46 -4.14 21.09 -24.53
CA VAL B 46 -3.36 19.94 -24.11
C VAL B 46 -1.91 20.32 -24.18
N PHE B 47 -1.22 20.37 -23.03
CA PHE B 47 0.13 20.80 -23.01
C PHE B 47 0.89 20.24 -21.84
N THR B 48 2.22 20.36 -21.89
CA THR B 48 3.09 19.82 -20.84
C THR B 48 3.80 20.92 -20.13
N VAL B 49 3.85 20.87 -18.80
CA VAL B 49 4.64 21.76 -18.04
C VAL B 49 5.54 20.93 -17.12
N HIS B 50 6.78 21.37 -17.03
CA HIS B 50 7.74 20.78 -16.13
C HIS B 50 7.68 21.44 -14.80
N LEU B 51 7.18 20.70 -13.84
CA LEU B 51 7.07 21.24 -12.49
C LEU B 51 8.26 20.72 -11.72
N GLY B 52 9.25 21.57 -11.53
CA GLY B 52 10.57 21.08 -11.12
C GLY B 52 10.96 19.84 -11.91
N PRO B 53 11.25 18.74 -11.20
CA PRO B 53 11.94 17.67 -11.94
C PRO B 53 11.14 16.91 -12.98
N ARG B 54 9.70 17.20 -13.22
CA ARG B 54 8.99 16.06 -13.81
C ARG B 54 7.99 16.34 -15.00
N PRO B 55 7.69 15.61 -16.02
CA PRO B 55 6.73 16.40 -16.80
C PRO B 55 5.28 16.24 -16.31
N VAL B 56 4.45 17.27 -16.36
CA VAL B 56 3.02 17.13 -16.06
C VAL B 56 2.08 17.57 -17.19
N VAL B 57 1.20 16.70 -17.65
CA VAL B 57 0.25 17.07 -18.68
C VAL B 57 -0.99 17.81 -18.18
N MET B 58 -1.34 18.92 -18.80
CA MET B 58 -2.50 19.69 -18.44
C MET B 58 -3.55 19.52 -19.50
N LEU B 59 -4.74 19.20 -19.05
CA LEU B 59 -5.86 19.10 -19.94
C LEU B 59 -6.90 20.17 -19.58
N CYS B 60 -7.37 20.85 -20.61
CA CYS B 60 -8.21 22.00 -20.41
C CYS B 60 -9.40 21.93 -21.29
N GLY B 61 -10.44 22.49 -20.76
CA GLY B 61 -11.72 22.51 -21.45
C GLY B 61 -12.46 21.22 -21.22
N VAL B 62 -13.77 21.30 -21.34
CA VAL B 62 -14.71 20.22 -21.06
C VAL B 62 -14.46 19.02 -21.96
N GLU B 63 -14.21 19.29 -23.24
CA GLU B 63 -14.07 18.24 -24.21
C GLU B 63 -12.85 17.38 -23.91
N ALA B 64 -11.72 17.98 -23.68
CA ALA B 64 -10.52 17.21 -23.46
C ALA B 64 -10.62 16.48 -22.12
N ILE B 65 -11.09 17.16 -21.11
CA ILE B 65 -11.22 16.59 -19.77
C ILE B 65 -12.15 15.39 -19.81
N ARG B 66 -13.25 15.51 -20.49
CA ARG B 66 -14.16 14.41 -20.59
C ARG B 66 -13.59 13.30 -21.47
N GLU B 67 -12.91 13.63 -22.54
CA GLU B 67 -12.27 12.60 -23.33
C GLU B 67 -11.34 11.75 -22.48
N ALA B 68 -10.55 12.40 -21.64
CA ALA B 68 -9.60 11.67 -20.83
C ALA B 68 -10.31 10.80 -19.74
N LEU B 69 -11.13 11.46 -18.91
CA LEU B 69 -11.68 10.78 -17.77
C LEU B 69 -12.84 9.86 -18.06
N VAL B 70 -13.61 10.20 -19.08
CA VAL B 70 -14.70 9.33 -19.44
C VAL B 70 -14.28 8.43 -20.59
N ASP B 71 -13.98 8.97 -21.77
CA ASP B 71 -13.68 8.03 -22.90
C ASP B 71 -12.48 7.20 -22.64
N LYS B 72 -11.49 7.69 -21.90
CA LYS B 72 -10.31 6.88 -21.61
C LYS B 72 -10.06 6.61 -20.13
N ALA B 73 -11.11 6.29 -19.41
CA ALA B 73 -10.97 5.93 -17.98
C ALA B 73 -9.98 4.75 -17.68
N GLU B 74 -9.76 3.86 -18.65
CA GLU B 74 -8.80 2.74 -18.50
C GLU B 74 -7.37 3.24 -18.36
N ALA B 75 -7.15 4.49 -18.70
CA ALA B 75 -5.80 5.01 -18.67
C ALA B 75 -5.66 6.17 -17.70
N PHE B 76 -6.72 6.95 -17.48
CA PHE B 76 -6.59 8.25 -16.81
C PHE B 76 -7.08 8.22 -15.38
N SER B 77 -7.37 7.02 -14.86
CA SER B 77 -8.03 6.87 -13.58
C SER B 77 -7.13 6.73 -12.38
N GLY B 78 -5.84 6.87 -12.60
CA GLY B 78 -4.89 6.90 -11.51
C GLY B 78 -4.85 8.23 -10.77
N ARG B 79 -4.27 8.19 -9.58
CA ARG B 79 -4.16 9.30 -8.69
C ARG B 79 -2.71 9.76 -8.55
N GLY B 80 -2.45 11.03 -8.78
CA GLY B 80 -1.13 11.63 -8.52
C GLY B 80 -1.02 12.11 -7.10
N LYS B 81 0.11 12.67 -6.74
CA LYS B 81 0.38 13.08 -5.37
C LYS B 81 0.14 14.56 -5.25
N ILE B 82 -0.18 15.01 -4.04
CA ILE B 82 -0.11 16.42 -3.77
C ILE B 82 1.05 16.52 -2.86
N ALA B 83 2.10 17.20 -3.32
CA ALA B 83 3.32 17.13 -2.60
C ALA B 83 3.23 17.60 -1.14
N MET B 84 2.44 18.63 -0.82
CA MET B 84 2.31 19.06 0.57
C MET B 84 1.71 17.99 1.54
N VAL B 85 0.94 17.05 1.04
CA VAL B 85 0.29 16.07 1.94
C VAL B 85 0.72 14.60 1.67
N ASP B 86 1.40 14.30 0.56
CA ASP B 86 1.84 12.94 0.30
C ASP B 86 2.65 12.35 1.45
N PRO B 87 3.53 13.10 2.09
CA PRO B 87 4.35 12.54 3.14
C PRO B 87 3.48 12.11 4.31
N PHE B 88 2.30 12.68 4.42
CA PHE B 88 1.33 12.21 5.38
C PHE B 88 0.51 11.03 4.88
N PHE B 89 -0.21 11.17 3.79
CA PHE B 89 -1.04 10.10 3.29
C PHE B 89 -0.34 8.87 2.77
N ARG B 90 0.76 9.04 2.07
CA ARG B 90 1.53 7.94 1.58
C ARG B 90 0.72 6.88 0.82
N GLY B 91 -0.28 7.28 0.05
CA GLY B 91 -1.00 6.32 -0.70
C GLY B 91 -2.06 5.50 -0.01
N TYR B 92 -2.33 5.86 1.24
CA TYR B 92 -3.37 5.25 2.07
C TYR B 92 -4.65 6.09 2.01
N GLY B 93 -5.79 5.40 2.10
CA GLY B 93 -7.11 6.00 2.11
C GLY B 93 -7.53 6.23 0.69
N VAL B 94 -8.84 6.33 0.54
CA VAL B 94 -9.39 6.32 -0.81
C VAL B 94 -8.90 7.47 -1.73
N ILE B 95 -8.72 8.69 -1.21
CA ILE B 95 -8.29 9.81 -2.07
C ILE B 95 -6.96 9.52 -2.67
N PHE B 96 -6.01 9.07 -1.87
CA PHE B 96 -4.68 8.96 -2.37
C PHE B 96 -4.27 7.58 -2.80
N ALA B 97 -5.15 6.59 -2.72
CA ALA B 97 -4.84 5.27 -3.19
C ALA B 97 -4.87 5.06 -4.70
N ASN B 98 -4.22 3.97 -5.09
CA ASN B 98 -4.20 3.51 -6.44
C ASN B 98 -4.43 2.00 -6.46
N GLY B 99 -4.62 1.48 -7.68
CA GLY B 99 -4.72 0.05 -7.95
C GLY B 99 -5.79 -0.61 -7.11
N ASN B 100 -5.52 -1.84 -6.69
CA ASN B 100 -6.49 -2.58 -5.93
C ASN B 100 -6.86 -1.92 -4.60
N ARG B 101 -5.96 -1.21 -4.00
CA ARG B 101 -6.28 -0.59 -2.75
C ARG B 101 -7.42 0.37 -3.01
N TRP B 102 -7.24 1.18 -4.06
CA TRP B 102 -8.30 2.13 -4.45
C TRP B 102 -9.60 1.39 -4.69
N LYS B 103 -9.56 0.33 -5.46
CA LYS B 103 -10.80 -0.37 -5.74
C LYS B 103 -11.53 -0.74 -4.48
N VAL B 104 -10.78 -1.25 -3.50
CA VAL B 104 -11.36 -1.78 -2.31
C VAL B 104 -11.95 -0.65 -1.44
N LEU B 105 -11.13 0.39 -1.28
CA LEU B 105 -11.47 1.51 -0.41
C LEU B 105 -12.56 2.34 -1.04
N ARG B 106 -12.55 2.44 -2.36
CA ARG B 106 -13.61 3.18 -3.05
C ARG B 106 -14.94 2.50 -2.86
N ARG B 107 -15.00 1.19 -3.07
CA ARG B 107 -16.23 0.39 -2.95
C ARG B 107 -16.70 0.44 -1.52
N PHE B 108 -15.76 0.33 -0.61
CA PHE B 108 -16.13 0.40 0.78
C PHE B 108 -16.71 1.75 1.19
N SER B 109 -16.00 2.80 0.84
CA SER B 109 -16.42 4.12 1.16
C SER B 109 -17.75 4.50 0.48
N VAL B 110 -17.92 4.17 -0.78
CA VAL B 110 -19.18 4.51 -1.44
C VAL B 110 -20.39 3.82 -0.72
N THR B 111 -20.27 2.53 -0.44
CA THR B 111 -21.30 1.80 0.28
C THR B 111 -21.60 2.36 1.66
N THR B 112 -20.56 2.69 2.42
CA THR B 112 -20.77 3.04 3.81
C THR B 112 -21.11 4.51 3.95
N MET B 113 -20.86 5.29 2.91
CA MET B 113 -21.27 6.71 2.93
C MET B 113 -22.74 6.78 2.43
N ARG B 114 -23.31 5.62 2.10
CA ARG B 114 -24.65 5.54 1.52
C ARG B 114 -25.58 4.77 2.46
N ASP B 115 -25.25 3.51 2.75
CA ASP B 115 -26.10 2.63 3.58
C ASP B 115 -25.62 2.53 5.02
N PHE B 116 -26.48 2.76 6.01
CA PHE B 116 -26.02 3.07 7.39
C PHE B 116 -26.12 2.05 8.55
N MET B 118 -29.42 -0.61 11.43
CA MET B 118 -30.60 -1.07 10.72
C MET B 118 -31.61 0.02 10.55
N GLY B 119 -31.85 0.78 11.61
CA GLY B 119 -32.85 1.83 11.57
C GLY B 119 -32.28 3.22 11.79
N LYS B 120 -31.22 3.51 11.05
CA LYS B 120 -30.51 4.78 11.10
C LYS B 120 -31.06 5.82 10.13
N ARG B 121 -30.77 7.06 10.44
CA ARG B 121 -31.26 8.20 9.65
C ARG B 121 -30.70 8.21 8.21
N SER B 122 -31.53 8.64 7.26
CA SER B 122 -31.06 8.91 5.93
C SER B 122 -30.05 10.10 6.02
N VAL B 123 -29.30 10.27 4.97
CA VAL B 123 -28.48 11.46 4.79
C VAL B 123 -29.32 12.72 4.93
N GLU B 124 -30.43 12.78 4.17
CA GLU B 124 -31.33 13.92 4.20
C GLU B 124 -31.73 14.25 5.63
N GLU B 125 -32.20 13.26 6.38
CA GLU B 125 -32.63 13.53 7.78
C GLU B 125 -31.46 14.03 8.61
N ARG B 126 -30.27 13.43 8.40
CA ARG B 126 -29.09 13.91 9.16
C ARG B 126 -28.79 15.42 8.85
N ILE B 127 -28.96 15.82 7.60
CA ILE B 127 -28.69 17.18 7.20
C ILE B 127 -29.80 18.09 7.74
N GLN B 128 -31.03 17.65 7.61
CA GLN B 128 -32.13 18.42 8.15
C GLN B 128 -32.01 18.61 9.65
N GLU B 129 -31.64 17.58 10.40
CA GLU B 129 -31.40 17.80 11.85
C GLU B 129 -30.24 18.78 12.13
N GLU B 130 -29.14 18.59 11.42
CA GLU B 130 -28.03 19.49 11.59
C GLU B 130 -28.45 20.93 11.28
N ALA B 131 -29.29 21.11 10.25
CA ALA B 131 -29.69 22.41 9.85
C ALA B 131 -30.52 23.10 10.91
N GLN B 132 -31.47 22.37 11.51
CA GLN B 132 -32.15 22.84 12.76
C GLN B 132 -31.22 23.17 13.89
N CYS B 133 -30.19 22.36 14.15
CA CYS B 133 -29.24 22.79 15.19
C CYS B 133 -28.58 24.10 14.75
N LEU B 134 -28.30 24.25 13.45
CA LEU B 134 -27.63 25.48 12.99
C LEU B 134 -28.54 26.70 13.17
N ILE B 135 -29.79 26.59 12.78
CA ILE B 135 -30.64 27.75 12.88
C ILE B 135 -30.95 28.12 14.34
N GLU B 136 -31.06 27.13 15.23
CA GLU B 136 -31.05 27.44 16.69
C GLU B 136 -29.77 28.22 17.12
N GLU B 137 -28.61 27.79 16.63
CA GLU B 137 -27.38 28.50 16.98
C GLU B 137 -27.42 29.91 16.45
N LEU B 138 -27.90 30.07 15.20
CA LEU B 138 -27.96 31.41 14.61
C LEU B 138 -28.94 32.33 15.34
N ARG B 139 -30.10 31.78 15.69
CA ARG B 139 -31.06 32.50 16.56
C ARG B 139 -30.42 32.92 17.91
N LYS B 140 -29.61 32.04 18.50
CA LYS B 140 -28.90 32.36 19.73
C LYS B 140 -27.72 33.30 19.51
N SER B 141 -27.35 33.58 18.25
CA SER B 141 -26.26 34.55 18.04
C SER B 141 -26.75 36.02 18.11
N LYS B 142 -28.04 36.22 18.04
CA LYS B 142 -28.59 37.53 18.39
C LYS B 142 -28.15 38.60 17.39
N GLY B 143 -28.04 38.21 16.13
CA GLY B 143 -27.64 39.11 15.05
C GLY B 143 -26.22 39.61 15.17
N ALA B 144 -25.41 39.00 16.02
CA ALA B 144 -24.08 39.42 16.19
C ALA B 144 -23.27 39.13 14.87
N LEU B 145 -22.21 39.90 14.67
CA LEU B 145 -21.24 39.62 13.62
C LEU B 145 -20.43 38.39 13.97
N MET B 146 -20.11 37.63 12.95
CA MET B 146 -19.22 36.52 13.12
C MET B 146 -18.57 36.24 11.75
N ASP B 147 -17.50 35.49 11.84
CA ASP B 147 -16.98 34.91 10.64
C ASP B 147 -17.61 33.52 10.71
N PRO B 148 -18.42 33.19 9.73
CA PRO B 148 -19.19 31.96 9.79
C PRO B 148 -18.45 30.70 9.50
N THR B 149 -17.15 30.77 9.22
CA THR B 149 -16.37 29.57 8.92
C THR B 149 -16.55 28.40 9.88
N PHE B 150 -16.49 28.66 11.19
CA PHE B 150 -16.59 27.61 12.18
C PHE B 150 -17.88 26.87 12.08
N LEU B 151 -18.95 27.58 11.79
CA LEU B 151 -20.23 26.94 11.69
C LEU B 151 -20.38 26.19 10.41
N PHE B 152 -19.89 26.77 9.30
CA PHE B 152 -19.92 26.09 8.04
C PHE B 152 -19.13 24.81 8.12
N GLN B 153 -18.02 24.82 8.82
CA GLN B 153 -17.23 23.60 9.04
C GLN B 153 -17.95 22.64 9.97
N SER B 154 -18.57 23.18 10.99
CA SER B 154 -19.28 22.36 11.98
C SER B 154 -20.34 21.53 11.38
N ILE B 155 -21.20 22.18 10.60
CA ILE B 155 -22.30 21.47 10.08
C ILE B 155 -21.89 20.41 9.03
N THR B 156 -20.83 20.67 8.25
CA THR B 156 -20.45 19.75 7.23
C THR B 156 -19.69 18.59 7.89
N ALA B 157 -18.82 18.92 8.81
CA ALA B 157 -18.12 17.89 9.58
C ALA B 157 -19.11 16.98 10.27
N ASN B 158 -20.07 17.59 10.91
CA ASN B 158 -21.09 16.81 11.64
C ASN B 158 -21.86 15.82 10.82
N ILE B 159 -22.09 16.09 9.54
CA ILE B 159 -22.67 15.11 8.68
C ILE B 159 -21.76 13.86 8.57
N ILE B 160 -20.49 14.07 8.28
CA ILE B 160 -19.58 12.96 8.15
C ILE B 160 -19.37 12.31 9.51
N CYS B 161 -19.35 13.11 10.55
CA CYS B 161 -19.22 12.59 11.92
CA CYS B 161 -19.20 12.57 11.90
C CYS B 161 -20.37 11.64 12.22
N SER B 162 -21.58 11.95 11.76
CA SER B 162 -22.71 11.09 12.10
C SER B 162 -22.59 9.76 11.45
N ILE B 163 -21.98 9.71 10.25
CA ILE B 163 -21.84 8.49 9.53
C ILE B 163 -20.65 7.67 10.06
N VAL B 164 -19.53 8.33 10.33
CA VAL B 164 -18.31 7.66 10.67
C VAL B 164 -18.26 7.31 12.15
N PHE B 165 -18.67 8.23 13.00
CA PHE B 165 -18.50 8.05 14.46
C PHE B 165 -19.83 7.76 15.16
N GLY B 166 -20.93 7.84 14.42
CA GLY B 166 -22.19 7.62 15.06
C GLY B 166 -22.62 8.75 15.97
N LYS B 167 -22.04 9.94 15.81
CA LYS B 167 -22.36 11.08 16.65
C LYS B 167 -22.05 12.38 15.97
N ARG B 168 -22.60 13.42 16.52
CA ARG B 168 -22.23 14.82 16.18
C ARG B 168 -21.55 15.49 17.36
N PHE B 169 -20.85 16.57 17.10
CA PHE B 169 -20.24 17.37 18.10
C PHE B 169 -20.96 18.71 18.21
N HIS B 170 -20.96 19.26 19.41
CA HIS B 170 -21.72 20.48 19.66
C HIS B 170 -20.84 21.59 19.19
N TYR B 171 -21.48 22.64 18.70
CA TYR B 171 -20.77 23.81 18.20
C TYR B 171 -19.93 24.51 19.26
N GLN B 172 -20.30 24.34 20.54
CA GLN B 172 -19.53 24.88 21.65
C GLN B 172 -18.39 24.06 22.09
N ASP B 173 -18.27 22.85 21.57
CA ASP B 173 -17.18 22.01 21.96
C ASP B 173 -15.82 22.53 21.44
N GLN B 174 -15.01 23.07 22.36
CA GLN B 174 -13.68 23.62 21.99
C GLN B 174 -12.74 22.60 21.37
N GLU B 175 -12.85 21.32 21.73
CA GLU B 175 -12.00 20.31 21.11
C GLU B 175 -12.39 20.00 19.66
N PHE B 176 -13.71 19.95 19.41
CA PHE B 176 -14.22 19.95 18.06
C PHE B 176 -13.69 21.16 17.31
N LEU B 177 -13.90 22.35 17.83
CA LEU B 177 -13.45 23.53 17.10
C LEU B 177 -11.96 23.55 16.84
N LYS B 178 -11.19 23.04 17.78
CA LYS B 178 -9.75 22.92 17.55
C LYS B 178 -9.43 22.07 16.30
N MET B 179 -10.17 21.00 16.11
CA MET B 179 -9.91 20.11 15.00
C MET B 179 -10.36 20.78 13.72
N LEU B 180 -11.44 21.53 13.82
CA LEU B 180 -11.90 22.28 12.66
C LEU B 180 -10.87 23.36 12.28
N ASN B 181 -10.21 23.94 13.28
CA ASN B 181 -9.26 24.96 13.00
C ASN B 181 -8.15 24.32 12.16
N LEU B 182 -7.77 23.10 12.50
CA LEU B 182 -6.68 22.47 11.86
C LEU B 182 -7.03 22.18 10.42
N PHE B 183 -8.24 21.72 10.15
CA PHE B 183 -8.73 21.56 8.74
C PHE B 183 -8.65 22.87 7.90
N TYR B 184 -9.14 23.95 8.49
CA TYR B 184 -9.06 25.30 7.91
C TYR B 184 -7.64 25.76 7.62
N GLN B 185 -6.74 25.69 8.60
CA GLN B 185 -5.40 26.13 8.42
C GLN B 185 -4.70 25.20 7.39
N THR B 186 -5.01 23.91 7.37
CA THR B 186 -4.26 23.02 6.55
C THR B 186 -4.59 23.25 5.10
N PHE B 187 -5.88 23.34 4.80
CA PHE B 187 -6.32 23.59 3.41
C PHE B 187 -5.67 24.90 2.92
N SER B 188 -5.63 25.91 3.75
CA SER B 188 -5.00 27.20 3.36
C SER B 188 -3.53 27.05 3.07
N LEU B 189 -2.80 26.38 3.98
CA LEU B 189 -1.38 26.20 3.77
C LEU B 189 -1.05 25.44 2.50
N ILE B 190 -1.85 24.44 2.22
CA ILE B 190 -1.68 23.60 1.07
C ILE B 190 -1.87 24.42 -0.18
N SER B 191 -2.80 25.38 -0.12
CA SER B 191 -3.21 26.20 -1.27
C SER B 191 -2.35 27.45 -1.37
N SER B 192 -1.41 27.61 -0.43
CA SER B 192 -0.62 28.83 -0.38
C SER B 192 0.44 28.78 -1.48
N VAL B 193 1.11 29.90 -1.63
CA VAL B 193 2.15 30.05 -2.61
C VAL B 193 3.28 29.10 -2.32
N PHE B 194 3.67 28.98 -1.03
CA PHE B 194 4.64 27.95 -0.62
C PHE B 194 4.18 26.54 -1.04
N GLY B 195 2.89 26.25 -0.87
CA GLY B 195 2.45 24.90 -1.18
C GLY B 195 2.50 24.59 -2.68
N GLN B 196 2.27 25.62 -3.48
CA GLN B 196 2.43 25.54 -4.93
C GLN B 196 3.88 25.39 -5.34
N LEU B 197 4.74 26.15 -4.68
CA LEU B 197 6.22 26.02 -4.89
C LEU B 197 6.74 24.63 -4.48
N PHE B 198 6.20 24.11 -3.38
CA PHE B 198 6.49 22.82 -2.86
C PHE B 198 6.08 21.77 -3.83
N GLU B 199 4.98 22.00 -4.57
CA GLU B 199 4.66 21.06 -5.64
C GLU B 199 5.80 20.96 -6.71
N LEU B 200 6.45 22.06 -6.99
CA LEU B 200 7.58 22.09 -7.93
C LEU B 200 8.86 21.46 -7.32
N PHE B 201 9.17 21.84 -6.08
CA PHE B 201 10.49 21.58 -5.53
C PHE B 201 10.59 20.85 -4.21
N SER B 202 9.67 19.92 -3.97
CA SER B 202 9.62 19.25 -2.70
C SER B 202 10.90 18.49 -2.42
N GLY B 203 11.52 17.93 -3.44
CA GLY B 203 12.80 17.19 -3.26
C GLY B 203 13.83 18.05 -2.56
N PHE B 204 13.86 19.33 -2.91
CA PHE B 204 14.74 20.28 -2.27
C PHE B 204 14.18 20.87 -0.99
N LEU B 205 12.96 21.41 -1.09
CA LEU B 205 12.41 22.21 -0.01
C LEU B 205 12.07 21.38 1.25
N LYS B 206 11.91 20.07 1.10
CA LYS B 206 11.49 19.24 2.19
C LYS B 206 12.53 19.16 3.29
N HIS B 207 13.79 19.41 2.94
CA HIS B 207 14.89 19.45 3.92
C HIS B 207 14.91 20.70 4.76
N PHE B 208 14.17 21.73 4.38
CA PHE B 208 14.15 22.95 5.18
C PHE B 208 12.85 23.09 6.00
N PRO B 209 12.81 24.04 6.94
CA PRO B 209 11.55 24.43 7.55
C PRO B 209 10.56 24.94 6.52
N GLY B 210 9.29 24.75 6.83
CA GLY B 210 8.25 25.32 6.03
C GLY B 210 6.91 24.73 6.37
N ALA B 211 5.93 25.18 5.61
CA ALA B 211 4.54 24.89 5.87
C ALA B 211 4.19 23.44 5.59
N HIS B 212 5.02 22.75 4.83
CA HIS B 212 4.88 21.30 4.70
C HIS B 212 4.90 20.62 6.08
N ARG B 213 5.83 21.03 6.93
CA ARG B 213 5.98 20.49 8.27
C ARG B 213 4.79 20.83 9.12
N GLN B 214 4.25 22.03 8.96
CA GLN B 214 3.11 22.42 9.74
C GLN B 214 1.88 21.54 9.35
N VAL B 215 1.73 21.28 8.04
CA VAL B 215 0.63 20.49 7.50
C VAL B 215 0.72 19.03 8.02
N TYR B 216 1.93 18.50 8.01
CA TYR B 216 2.16 17.16 8.51
C TYR B 216 1.71 17.07 9.99
N LYS B 217 2.09 18.07 10.75
CA LYS B 217 1.78 18.12 12.13
C LYS B 217 0.28 18.17 12.42
N ASN B 218 -0.37 19.11 11.71
CA ASN B 218 -1.81 19.32 11.82
C ASN B 218 -2.53 18.02 11.53
N LEU B 219 -2.14 17.38 10.44
CA LEU B 219 -2.78 16.15 10.03
C LEU B 219 -2.59 15.02 11.09
N GLN B 220 -1.42 14.94 11.65
CA GLN B 220 -1.15 13.95 12.69
C GLN B 220 -1.99 14.23 13.92
N GLU B 221 -2.16 15.48 14.24
CA GLU B 221 -3.03 15.85 15.38
C GLU B 221 -4.46 15.44 15.15
N ILE B 222 -4.98 15.64 13.92
CA ILE B 222 -6.32 15.16 13.65
C ILE B 222 -6.37 13.63 13.69
N ASN B 223 -5.40 13.02 13.02
CA ASN B 223 -5.34 11.57 12.98
C ASN B 223 -5.27 10.89 14.39
N ALA B 224 -4.61 11.53 15.34
CA ALA B 224 -4.52 11.01 16.72
C ALA B 224 -5.94 10.76 17.27
N TYR B 225 -6.87 11.68 17.03
CA TYR B 225 -8.25 11.44 17.47
C TYR B 225 -8.90 10.24 16.82
N ILE B 226 -8.70 10.13 15.52
CA ILE B 226 -9.23 9.03 14.79
C ILE B 226 -8.69 7.69 15.32
N GLY B 227 -7.39 7.59 15.52
CA GLY B 227 -6.79 6.37 16.14
C GLY B 227 -7.48 5.94 17.45
N HIS B 228 -7.65 6.92 18.31
CA HIS B 228 -8.26 6.73 19.61
C HIS B 228 -9.70 6.26 19.45
N SER B 229 -10.45 6.94 18.59
CA SER B 229 -11.80 6.55 18.35
C SER B 229 -11.82 5.11 17.79
N VAL B 230 -10.92 4.79 16.91
CA VAL B 230 -10.86 3.42 16.42
C VAL B 230 -10.67 2.43 17.61
N GLU B 231 -9.78 2.75 18.53
CA GLU B 231 -9.52 1.86 19.69
C GLU B 231 -10.78 1.66 20.53
N LYS B 232 -11.52 2.75 20.79
CA LYS B 232 -12.77 2.74 21.54
C LYS B 232 -13.82 1.92 20.86
N HIS B 233 -13.95 2.09 19.55
CA HIS B 233 -14.92 1.30 18.83
C HIS B 233 -14.56 -0.17 18.93
N ARG B 234 -13.28 -0.47 18.72
CA ARG B 234 -12.85 -1.86 18.72
C ARG B 234 -13.24 -2.50 20.09
N GLU B 235 -13.20 -1.70 21.16
CA GLU B 235 -13.48 -2.16 22.50
C GLU B 235 -14.93 -2.42 22.77
N THR B 236 -15.82 -1.72 22.11
CA THR B 236 -17.23 -1.91 22.34
C THR B 236 -17.93 -2.53 21.14
N LEU B 237 -17.17 -3.03 20.18
CA LEU B 237 -17.74 -3.40 18.89
C LEU B 237 -18.66 -4.56 19.12
N ASP B 238 -19.91 -4.43 18.69
CA ASP B 238 -20.85 -5.53 18.61
C ASP B 238 -21.01 -6.05 17.17
N PRO B 239 -20.45 -7.23 16.84
CA PRO B 239 -20.55 -7.67 15.47
C PRO B 239 -21.96 -7.81 14.94
N SER B 240 -22.94 -7.98 15.82
CA SER B 240 -24.31 -8.23 15.35
C SER B 240 -24.98 -6.89 15.06
N ALA B 241 -24.41 -5.82 15.62
CA ALA B 241 -25.01 -4.49 15.55
C ALA B 241 -23.93 -3.41 15.30
N PRO B 242 -23.35 -3.36 14.09
CA PRO B 242 -22.41 -2.26 13.82
C PRO B 242 -23.12 -0.92 13.97
N ARG B 243 -22.44 0.03 14.57
CA ARG B 243 -23.04 1.31 14.84
C ARG B 243 -22.80 2.32 13.71
N ASP B 244 -21.68 2.19 12.99
CA ASP B 244 -21.24 3.24 12.11
C ASP B 244 -20.18 2.69 11.16
N LEU B 245 -19.63 3.60 10.39
CA LEU B 245 -18.69 3.22 9.34
C LEU B 245 -17.43 2.58 9.91
N ILE B 246 -16.96 3.08 11.03
CA ILE B 246 -15.84 2.48 11.70
C ILE B 246 -16.06 0.99 12.07
N ASP B 247 -17.18 0.68 12.71
CA ASP B 247 -17.48 -0.73 13.02
C ASP B 247 -17.51 -1.58 11.79
N THR B 248 -18.14 -1.06 10.74
CA THR B 248 -18.28 -1.80 9.52
C THR B 248 -16.92 -2.15 8.97
N TYR B 249 -16.00 -1.19 9.05
CA TYR B 249 -14.65 -1.45 8.56
C TYR B 249 -13.96 -2.45 9.47
N LEU B 250 -14.14 -2.30 10.77
CA LEU B 250 -13.56 -3.23 11.73
C LEU B 250 -14.03 -4.65 11.46
N LEU B 251 -15.25 -4.81 11.02
CA LEU B 251 -15.76 -6.11 10.77
C LEU B 251 -15.09 -6.71 9.55
N HIS B 252 -14.87 -5.91 8.52
CA HIS B 252 -14.11 -6.34 7.38
C HIS B 252 -12.71 -6.76 7.78
N MET B 253 -12.11 -5.96 8.62
CA MET B 253 -10.78 -6.19 9.10
C MET B 253 -10.71 -7.58 9.76
N GLU B 254 -11.68 -7.85 10.62
CA GLU B 254 -11.68 -9.12 11.33
C GLU B 254 -11.86 -10.27 10.33
N LYS B 255 -12.74 -10.07 9.37
CA LYS B 255 -12.97 -11.03 8.33
C LYS B 255 -11.73 -11.35 7.49
N GLU B 256 -10.91 -10.36 7.20
CA GLU B 256 -9.72 -10.65 6.33
C GLU B 256 -8.43 -10.80 7.12
N LYS B 257 -8.56 -10.89 8.43
CA LYS B 257 -7.41 -10.99 9.34
C LYS B 257 -6.30 -12.00 8.95
N SER B 258 -6.65 -13.10 8.33
CA SER B 258 -5.60 -14.09 8.04
C SER B 258 -4.84 -13.74 6.76
N ASN B 259 -5.25 -12.69 6.05
CA ASN B 259 -4.53 -12.21 4.91
C ASN B 259 -3.62 -11.03 5.30
N ALA B 260 -2.33 -11.27 5.35
CA ALA B 260 -1.42 -10.19 5.73
C ALA B 260 -1.52 -8.95 4.82
N HIS B 261 -1.97 -9.17 3.59
CA HIS B 261 -2.05 -8.15 2.59
C HIS B 261 -3.43 -7.50 2.45
N SER B 262 -4.30 -7.74 3.40
CA SER B 262 -5.58 -7.12 3.40
C SER B 262 -5.38 -5.63 3.37
N GLU B 263 -6.25 -5.02 2.61
CA GLU B 263 -6.31 -3.56 2.49
C GLU B 263 -7.08 -3.00 3.66
N PHE B 264 -7.89 -3.82 4.35
CA PHE B 264 -8.51 -3.35 5.60
C PHE B 264 -7.55 -3.30 6.76
N SER B 265 -6.55 -2.45 6.61
CA SER B 265 -5.54 -2.29 7.58
C SER B 265 -5.86 -1.09 8.41
N HIS B 266 -5.14 -0.96 9.52
CA HIS B 266 -5.29 0.19 10.42
C HIS B 266 -4.84 1.51 9.84
N GLN B 267 -3.78 1.51 9.03
CA GLN B 267 -3.34 2.74 8.35
C GLN B 267 -4.42 3.16 7.33
N ASN B 268 -5.01 2.21 6.61
CA ASN B 268 -6.10 2.61 5.71
C ASN B 268 -7.29 3.11 6.52
N LEU B 269 -7.46 2.53 7.68
CA LEU B 269 -8.59 2.86 8.52
C LEU B 269 -8.42 4.30 8.99
N ASN B 270 -7.33 4.61 9.62
CA ASN B 270 -7.08 5.96 10.03
C ASN B 270 -7.11 6.97 8.86
N LEU B 271 -6.46 6.66 7.76
CA LEU B 271 -6.24 7.70 6.74
C LEU B 271 -7.38 7.78 5.77
N ASN B 272 -8.07 6.65 5.54
CA ASN B 272 -9.31 6.70 4.85
C ASN B 272 -10.30 7.57 5.61
N THR B 273 -10.34 7.42 6.92
CA THR B 273 -11.30 8.19 7.73
C THR B 273 -10.95 9.62 7.73
N LEU B 274 -9.66 9.91 7.90
CA LEU B 274 -9.23 11.29 7.86
C LEU B 274 -9.55 11.92 6.47
N SER B 275 -9.38 11.13 5.43
CA SER B 275 -9.62 11.55 4.07
C SER B 275 -11.07 11.98 3.93
N LEU B 276 -11.97 11.14 4.45
CA LEU B 276 -13.42 11.41 4.31
C LEU B 276 -13.75 12.70 5.02
N PHE B 277 -13.20 12.88 6.18
CA PHE B 277 -13.41 14.08 6.96
C PHE B 277 -12.87 15.32 6.29
N PHE B 278 -11.63 15.25 5.81
CA PHE B 278 -11.00 16.39 5.15
C PHE B 278 -11.79 16.82 3.92
N ALA B 279 -12.12 15.85 3.07
CA ALA B 279 -12.87 16.12 1.89
C ALA B 279 -14.30 16.51 2.23
N GLY B 280 -14.94 15.80 3.13
CA GLY B 280 -16.32 16.08 3.52
C GLY B 280 -16.58 17.43 4.16
N THR B 281 -15.61 17.93 4.92
CA THR B 281 -15.74 19.15 5.68
C THR B 281 -15.32 20.37 4.91
N GLU B 282 -14.09 20.37 4.39
CA GLU B 282 -13.46 21.60 3.99
C GLU B 282 -13.97 22.05 2.58
N THR B 283 -14.44 21.10 1.81
CA THR B 283 -14.95 21.39 0.47
C THR B 283 -16.29 22.16 0.58
N THR B 284 -17.28 21.52 1.16
CA THR B 284 -18.58 22.12 1.33
C THR B 284 -18.57 23.33 2.17
N SER B 285 -17.77 23.34 3.23
CA SER B 285 -17.66 24.52 4.03
C SER B 285 -17.16 25.69 3.24
N THR B 286 -16.11 25.46 2.45
CA THR B 286 -15.52 26.55 1.68
C THR B 286 -16.57 27.05 0.65
N THR B 287 -17.32 26.13 0.10
CA THR B 287 -18.34 26.52 -0.87
C THR B 287 -19.41 27.40 -0.18
N LEU B 288 -19.76 27.08 1.07
CA LEU B 288 -20.80 27.88 1.79
C LEU B 288 -20.21 29.19 2.16
N ARG B 289 -18.96 29.19 2.59
CA ARG B 289 -18.33 30.50 2.83
C ARG B 289 -18.42 31.45 1.60
N TYR B 290 -18.01 30.97 0.44
CA TYR B 290 -18.13 31.77 -0.78
C TYR B 290 -19.55 32.09 -1.09
N GLY B 291 -20.39 31.09 -0.93
CA GLY B 291 -21.81 31.28 -1.13
C GLY B 291 -22.37 32.47 -0.36
N PHE B 292 -22.08 32.59 0.92
CA PHE B 292 -22.66 33.71 1.71
C PHE B 292 -21.97 35.08 1.48
N LEU B 293 -20.69 35.02 1.13
CA LEU B 293 -20.00 36.24 0.75
C LEU B 293 -20.71 36.74 -0.53
N LEU B 294 -20.99 35.85 -1.47
CA LEU B 294 -21.70 36.19 -2.71
C LEU B 294 -23.10 36.74 -2.44
N MET B 295 -23.76 36.15 -1.45
CA MET B 295 -25.09 36.69 -1.04
C MET B 295 -24.97 38.08 -0.47
N LEU B 296 -23.89 38.39 0.25
CA LEU B 296 -23.68 39.75 0.73
C LEU B 296 -23.40 40.73 -0.39
N LYS B 297 -22.70 40.28 -1.43
CA LYS B 297 -22.37 41.18 -2.52
C LYS B 297 -23.55 41.36 -3.48
N TYR B 298 -24.43 40.35 -3.58
CA TYR B 298 -25.56 40.35 -4.48
C TYR B 298 -26.83 40.06 -3.69
N PRO B 299 -27.27 41.05 -2.89
CA PRO B 299 -28.41 40.86 -2.03
C PRO B 299 -29.66 40.64 -2.81
N HIS B 300 -29.76 41.14 -4.04
CA HIS B 300 -30.92 40.90 -4.82
C HIS B 300 -31.09 39.42 -5.13
N VAL B 301 -29.99 38.67 -5.27
CA VAL B 301 -30.10 37.26 -5.54
C VAL B 301 -30.66 36.55 -4.32
N ALA B 302 -30.11 36.87 -3.18
CA ALA B 302 -30.61 36.29 -1.91
C ALA B 302 -32.09 36.58 -1.66
N GLU B 303 -32.52 37.81 -1.98
CA GLU B 303 -33.95 38.22 -1.85
C GLU B 303 -34.81 37.41 -2.76
N ARG B 304 -34.29 37.16 -3.98
CA ARG B 304 -34.95 36.35 -4.94
C ARG B 304 -35.04 34.92 -4.54
N VAL B 305 -33.95 34.40 -3.99
CA VAL B 305 -34.02 33.02 -3.37
C VAL B 305 -35.10 33.02 -2.26
N TYR B 306 -35.10 34.02 -1.43
CA TYR B 306 -36.07 34.03 -0.33
C TYR B 306 -37.49 33.98 -0.83
N ARG B 307 -37.75 34.71 -1.92
CA ARG B 307 -39.08 34.70 -2.52
C ARG B 307 -39.49 33.33 -2.94
N GLU B 308 -38.58 32.62 -3.57
CA GLU B 308 -38.85 31.30 -4.00
C GLU B 308 -39.05 30.33 -2.85
N ILE B 309 -38.23 30.47 -1.81
CA ILE B 309 -38.48 29.72 -0.58
C ILE B 309 -39.90 30.00 -0.05
N GLU B 310 -40.27 31.28 0.04
CA GLU B 310 -41.62 31.60 0.53
C GLU B 310 -42.69 30.93 -0.24
N GLN B 311 -42.56 30.99 -1.57
CA GLN B 311 -43.60 30.57 -2.47
C GLN B 311 -43.65 29.07 -2.57
N VAL B 312 -42.52 28.42 -2.41
CA VAL B 312 -42.47 26.97 -2.57
C VAL B 312 -42.55 26.27 -1.23
N ILE B 313 -41.83 26.72 -0.21
CA ILE B 313 -41.71 25.99 1.04
C ILE B 313 -42.59 26.68 2.11
N GLY B 314 -42.58 28.01 2.12
CA GLY B 314 -43.14 28.78 3.19
C GLY B 314 -42.14 29.00 4.30
N PRO B 315 -42.55 29.78 5.29
CA PRO B 315 -41.70 30.23 6.39
C PRO B 315 -41.41 29.20 7.49
N HIS B 316 -42.14 28.10 7.55
CA HIS B 316 -42.14 27.26 8.76
C HIS B 316 -41.61 25.89 8.48
N ARG B 317 -42.09 25.30 7.39
CA ARG B 317 -41.79 23.91 7.11
C ARG B 317 -40.31 23.72 6.69
N PRO B 318 -39.62 22.74 7.28
CA PRO B 318 -38.21 22.62 6.93
C PRO B 318 -38.05 22.28 5.47
N PRO B 319 -37.11 22.94 4.76
CA PRO B 319 -36.80 22.50 3.42
C PRO B 319 -36.46 21.01 3.39
N GLU B 320 -36.89 20.37 2.30
CA GLU B 320 -36.58 18.99 2.01
C GLU B 320 -36.12 18.85 0.56
N LEU B 321 -35.36 17.80 0.31
CA LEU B 321 -34.78 17.48 -0.98
C LEU B 321 -35.77 17.49 -2.11
N HIS B 322 -36.97 17.00 -1.85
CA HIS B 322 -38.05 17.04 -2.83
C HIS B 322 -38.27 18.46 -3.35
N ASP B 323 -38.05 19.46 -2.49
CA ASP B 323 -38.26 20.88 -2.91
C ASP B 323 -37.39 21.34 -4.09
N ARG B 324 -36.28 20.64 -4.37
CA ARG B 324 -35.33 21.10 -5.38
C ARG B 324 -35.97 21.29 -6.72
N ALA B 325 -36.73 20.30 -7.12
CA ALA B 325 -37.38 20.29 -8.42
C ALA B 325 -38.21 21.52 -8.67
N LYS B 326 -38.76 22.11 -7.63
CA LYS B 326 -39.60 23.26 -7.76
C LYS B 326 -38.91 24.53 -7.49
N MET B 327 -37.59 24.52 -7.26
CA MET B 327 -36.93 25.72 -6.91
C MET B 327 -35.75 25.87 -7.87
N PRO B 328 -36.06 26.07 -9.14
CA PRO B 328 -34.99 26.24 -10.12
C PRO B 328 -34.13 27.46 -9.89
N TYR B 329 -34.67 28.53 -9.31
CA TYR B 329 -33.85 29.69 -9.18
C TYR B 329 -32.74 29.39 -8.13
N THR B 330 -33.17 28.79 -7.03
CA THR B 330 -32.30 28.46 -5.91
C THR B 330 -31.22 27.40 -6.38
N GLU B 331 -31.63 26.40 -7.15
CA GLU B 331 -30.70 25.45 -7.64
C GLU B 331 -29.72 26.15 -8.54
N ALA B 332 -30.18 27.08 -9.37
CA ALA B 332 -29.31 27.88 -10.23
C ALA B 332 -28.27 28.70 -9.50
N VAL B 333 -28.69 29.35 -8.43
CA VAL B 333 -27.82 30.11 -7.56
C VAL B 333 -26.74 29.18 -6.93
N ILE B 334 -27.14 28.02 -6.47
CA ILE B 334 -26.13 27.04 -5.92
C ILE B 334 -25.17 26.51 -7.02
N TYR B 335 -25.69 26.22 -8.22
CA TYR B 335 -24.84 25.84 -9.30
C TYR B 335 -23.84 26.96 -9.54
N GLU B 336 -24.31 28.20 -9.51
CA GLU B 336 -23.48 29.29 -9.86
C GLU B 336 -22.51 29.57 -8.77
N ILE B 337 -22.93 29.42 -7.51
CA ILE B 337 -21.96 29.48 -6.39
C ILE B 337 -20.81 28.51 -6.62
N GLN B 338 -21.14 27.26 -6.91
CA GLN B 338 -20.12 26.22 -7.15
C GLN B 338 -19.25 26.50 -8.38
N ARG B 339 -19.85 27.05 -9.44
CA ARG B 339 -19.12 27.40 -10.62
C ARG B 339 -18.14 28.51 -10.33
N PHE B 340 -18.64 29.61 -9.76
CA PHE B 340 -17.86 30.78 -9.51
C PHE B 340 -16.79 30.48 -8.46
N SER B 341 -17.16 29.78 -7.42
CA SER B 341 -16.21 29.53 -6.37
C SER B 341 -15.12 28.51 -6.77
N ASP B 342 -15.32 27.63 -7.73
CA ASP B 342 -14.21 26.95 -8.43
C ASP B 342 -13.26 26.39 -7.35
N LEU B 343 -13.82 25.52 -6.51
CA LEU B 343 -13.12 25.04 -5.29
C LEU B 343 -11.72 24.46 -5.55
N LEU B 344 -11.64 23.59 -6.53
CA LEU B 344 -10.45 22.93 -6.91
C LEU B 344 -10.19 23.19 -8.38
N PRO B 345 -9.58 24.33 -8.66
CA PRO B 345 -9.40 24.76 -10.03
C PRO B 345 -8.65 23.79 -10.88
N MET B 346 -7.75 23.04 -10.26
CA MET B 346 -6.92 22.06 -10.96
C MET B 346 -7.36 20.66 -10.59
N GLY B 347 -8.57 20.54 -10.03
CA GLY B 347 -9.01 19.27 -9.54
C GLY B 347 -8.01 18.67 -8.53
N VAL B 348 -7.88 17.35 -8.59
CA VAL B 348 -6.90 16.59 -7.81
C VAL B 348 -6.08 15.82 -8.83
N PRO B 349 -4.75 15.83 -8.69
CA PRO B 349 -3.91 15.23 -9.72
C PRO B 349 -4.25 13.75 -10.01
N HIS B 350 -4.24 13.38 -11.27
CA HIS B 350 -4.35 12.04 -11.74
C HIS B 350 -2.99 11.63 -12.29
N ILE B 351 -2.88 10.38 -12.72
CA ILE B 351 -1.63 9.88 -13.26
C ILE B 351 -1.96 8.69 -14.14
N VAL B 352 -1.53 8.75 -15.41
CA VAL B 352 -1.83 7.68 -16.36
C VAL B 352 -1.37 6.34 -15.81
N THR B 353 -2.19 5.31 -16.00
CA THR B 353 -1.85 3.98 -15.50
C THR B 353 -1.27 3.08 -16.61
N GLN B 354 -1.32 3.54 -17.86
CA GLN B 354 -0.71 2.81 -18.97
C GLN B 354 -0.38 3.78 -20.05
N HIS B 355 0.57 3.43 -20.94
CA HIS B 355 0.92 4.28 -22.11
C HIS B 355 -0.39 4.53 -22.84
N THR B 356 -0.67 5.79 -23.13
CA THR B 356 -1.95 6.18 -23.73
C THR B 356 -1.71 7.15 -24.88
N SER B 357 -2.48 6.96 -25.93
CA SER B 357 -2.48 7.94 -26.99
C SER B 357 -3.58 8.92 -26.66
N PHE B 358 -3.26 10.19 -26.85
CA PHE B 358 -4.24 11.21 -26.58
C PHE B 358 -4.07 12.35 -27.54
N ARG B 359 -5.04 12.51 -28.43
CA ARG B 359 -5.00 13.54 -29.47
C ARG B 359 -3.71 13.56 -30.23
N GLY B 360 -3.24 12.36 -30.59
CA GLY B 360 -1.99 12.18 -31.36
C GLY B 360 -0.71 12.28 -30.54
N TYR B 361 -0.84 12.48 -29.23
CA TYR B 361 0.31 12.43 -28.35
C TYR B 361 0.39 11.07 -27.70
N ILE B 362 1.55 10.77 -27.17
CA ILE B 362 1.69 9.56 -26.39
C ILE B 362 2.02 10.00 -25.02
N ILE B 363 1.21 9.59 -24.07
CA ILE B 363 1.45 9.98 -22.69
C ILE B 363 1.85 8.71 -21.96
N PRO B 364 3.10 8.64 -21.56
CA PRO B 364 3.54 7.37 -20.99
C PRO B 364 2.94 7.08 -19.62
N LYS B 365 2.81 5.77 -19.35
CA LYS B 365 2.59 5.26 -18.03
C LYS B 365 3.26 6.09 -16.94
N ASP B 366 2.49 6.39 -15.89
CA ASP B 366 2.94 7.12 -14.70
C ASP B 366 3.08 8.62 -14.88
N THR B 367 2.74 9.18 -16.03
CA THR B 367 2.83 10.61 -16.18
C THR B 367 1.65 11.24 -15.40
N GLU B 368 1.96 12.26 -14.65
CA GLU B 368 0.97 13.05 -13.92
C GLU B 368 0.14 13.86 -14.91
N VAL B 369 -1.16 13.95 -14.66
CA VAL B 369 -2.13 14.72 -15.45
C VAL B 369 -3.00 15.62 -14.54
N PHE B 370 -3.09 16.91 -14.82
CA PHE B 370 -3.99 17.77 -14.10
C PHE B 370 -5.13 18.08 -15.07
N LEU B 371 -6.37 17.84 -14.64
CA LEU B 371 -7.53 18.22 -15.35
C LEU B 371 -7.90 19.57 -14.79
N ILE B 372 -7.87 20.60 -15.64
CA ILE B 372 -8.02 21.99 -15.13
C ILE B 372 -9.51 22.35 -15.19
N LEU B 373 -10.23 21.78 -14.24
CA LEU B 373 -11.64 21.87 -14.11
C LEU B 373 -12.09 23.36 -14.20
N SER B 374 -11.24 24.28 -13.71
CA SER B 374 -11.56 25.74 -13.80
C SER B 374 -11.82 26.19 -15.23
N THR B 375 -11.11 25.61 -16.21
CA THR B 375 -11.37 25.93 -17.57
C THR B 375 -12.73 25.49 -18.08
N ALA B 376 -13.30 24.37 -17.59
CA ALA B 376 -14.67 24.04 -17.91
C ALA B 376 -15.68 24.95 -17.24
N LEU B 377 -15.40 25.30 -15.99
CA LEU B 377 -16.34 26.10 -15.24
C LEU B 377 -16.35 27.53 -15.71
N HIS B 378 -15.33 27.96 -16.44
CA HIS B 378 -15.27 29.29 -16.96
C HIS B 378 -15.32 29.34 -18.48
N ASP B 379 -15.89 28.32 -19.05
CA ASP B 379 -15.87 28.19 -20.46
C ASP B 379 -16.85 29.17 -21.04
N PRO B 380 -16.36 30.13 -21.84
CA PRO B 380 -17.24 31.18 -22.38
C PRO B 380 -18.32 30.72 -23.39
N HIS B 381 -18.22 29.55 -23.99
CA HIS B 381 -19.22 29.05 -24.88
C HIS B 381 -20.41 28.57 -24.07
N TYR B 382 -20.19 28.11 -22.85
CA TYR B 382 -21.30 27.59 -22.02
C TYR B 382 -21.75 28.63 -21.07
N PHE B 383 -20.89 29.59 -20.72
CA PHE B 383 -21.21 30.61 -19.76
C PHE B 383 -20.84 32.00 -20.21
N GLU B 384 -21.80 32.79 -20.64
CA GLU B 384 -21.53 34.12 -21.15
C GLU B 384 -20.94 34.92 -20.03
N LYS B 385 -19.83 35.59 -20.24
CA LYS B 385 -19.26 36.36 -19.13
C LYS B 385 -18.91 35.48 -17.87
N PRO B 386 -18.01 34.56 -18.07
CA PRO B 386 -17.76 33.52 -17.09
C PRO B 386 -17.11 33.97 -15.80
N ASP B 387 -16.52 35.16 -15.77
CA ASP B 387 -15.87 35.66 -14.59
C ASP B 387 -16.81 36.33 -13.61
N ALA B 388 -18.05 36.54 -14.02
CA ALA B 388 -19.04 37.22 -13.20
C ALA B 388 -19.95 36.18 -12.52
N PHE B 389 -20.37 36.49 -11.31
CA PHE B 389 -21.37 35.70 -10.63
C PHE B 389 -22.74 36.06 -11.17
N ASN B 390 -23.35 35.11 -11.80
CA ASN B 390 -24.64 35.32 -12.36
C ASN B 390 -25.45 34.07 -12.42
N PRO B 391 -26.49 33.94 -11.58
CA PRO B 391 -27.31 32.74 -11.66
C PRO B 391 -27.95 32.40 -12.97
N ASP B 392 -28.15 33.40 -13.83
CA ASP B 392 -28.74 33.07 -15.15
C ASP B 392 -27.88 32.20 -15.98
N HIS B 393 -26.60 32.01 -15.57
CA HIS B 393 -25.74 31.00 -16.19
C HIS B 393 -26.37 29.65 -16.16
N PHE B 394 -27.31 29.45 -15.22
CA PHE B 394 -27.97 28.17 -15.10
C PHE B 394 -29.50 28.23 -15.24
N LEU B 395 -30.02 29.27 -15.93
CA LEU B 395 -31.42 29.35 -16.27
C LEU B 395 -31.64 29.62 -17.77
N ASP B 396 -32.73 29.12 -18.33
CA ASP B 396 -33.17 29.49 -19.70
C ASP B 396 -34.04 30.70 -19.68
N ALA B 397 -34.54 31.14 -20.84
CA ALA B 397 -35.39 32.36 -20.86
C ALA B 397 -36.65 32.25 -20.01
N ASN B 398 -37.20 31.04 -19.90
CA ASN B 398 -38.36 30.82 -19.00
C ASN B 398 -38.07 30.68 -17.52
N GLY B 399 -36.80 30.83 -17.14
CA GLY B 399 -36.47 30.71 -15.74
C GLY B 399 -36.49 29.27 -15.25
N ALA B 400 -36.44 28.34 -16.17
CA ALA B 400 -36.24 26.96 -15.85
C ALA B 400 -34.75 26.66 -15.69
N LEU B 401 -34.46 25.63 -14.89
CA LEU B 401 -33.10 25.26 -14.58
C LEU B 401 -32.44 24.80 -15.89
N LYS B 402 -31.24 25.23 -16.16
CA LYS B 402 -30.54 24.84 -17.37
C LYS B 402 -29.17 24.29 -16.92
N LYS B 403 -29.10 22.98 -16.82
CA LYS B 403 -27.86 22.29 -16.48
C LYS B 403 -27.03 22.23 -17.72
N THR B 404 -25.74 22.00 -17.56
CA THR B 404 -24.84 21.98 -18.71
C THR B 404 -23.73 21.00 -18.43
N GLU B 405 -23.29 20.32 -19.46
CA GLU B 405 -22.20 19.38 -19.31
C GLU B 405 -20.86 20.05 -18.96
N ALA B 406 -20.76 21.36 -19.02
CA ALA B 406 -19.57 22.05 -18.53
C ALA B 406 -19.42 22.15 -17.02
N PHE B 407 -20.49 21.89 -16.30
CA PHE B 407 -20.46 22.08 -14.89
C PHE B 407 -19.85 20.81 -14.31
N ILE B 408 -18.54 20.77 -14.11
CA ILE B 408 -17.86 19.61 -13.60
C ILE B 408 -17.00 19.87 -12.40
N PRO B 409 -17.56 20.52 -11.37
CA PRO B 409 -16.77 20.86 -10.19
C PRO B 409 -16.34 19.69 -9.30
N PHE B 410 -17.04 18.56 -9.47
CA PHE B 410 -16.74 17.24 -8.84
C PHE B 410 -15.95 16.33 -9.71
N SER B 411 -15.42 16.85 -10.82
CA SER B 411 -14.75 16.04 -11.83
C SER B 411 -15.67 15.03 -12.53
N LEU B 412 -15.04 14.06 -13.20
CA LEU B 412 -15.69 13.03 -13.93
C LEU B 412 -14.96 11.67 -13.82
N GLY B 413 -15.68 10.64 -14.17
CA GLY B 413 -15.13 9.32 -14.48
C GLY B 413 -14.93 8.58 -13.18
N LYS B 414 -13.91 7.73 -13.11
CA LYS B 414 -13.82 6.77 -12.02
C LYS B 414 -13.56 7.33 -10.66
N ARG B 415 -12.87 8.46 -10.64
CA ARG B 415 -12.47 9.09 -9.40
C ARG B 415 -13.39 10.25 -9.03
N ILE B 416 -14.48 10.41 -9.79
CA ILE B 416 -15.43 11.44 -9.53
C ILE B 416 -15.70 11.52 -8.06
N CYS B 417 -15.87 12.73 -7.56
CA CYS B 417 -16.13 12.96 -6.17
C CYS B 417 -17.19 11.99 -5.66
N LEU B 418 -16.80 11.17 -4.69
CA LEU B 418 -17.73 10.22 -4.20
C LEU B 418 -18.74 10.85 -3.26
N GLY B 419 -18.50 12.07 -2.84
CA GLY B 419 -19.45 12.76 -2.00
C GLY B 419 -20.37 13.69 -2.75
N GLU B 420 -20.40 13.60 -4.07
CA GLU B 420 -21.20 14.55 -4.83
C GLU B 420 -22.63 14.70 -4.28
N GLY B 421 -23.27 13.56 -4.04
CA GLY B 421 -24.69 13.48 -3.69
C GLY B 421 -24.91 14.18 -2.37
N ILE B 422 -24.01 13.88 -1.44
CA ILE B 422 -24.09 14.42 -0.13
C ILE B 422 -23.81 15.90 -0.14
N ALA B 423 -22.81 16.33 -0.91
CA ALA B 423 -22.51 17.76 -0.95
C ALA B 423 -23.62 18.59 -1.56
N ARG B 424 -24.25 18.07 -2.58
CA ARG B 424 -25.37 18.80 -3.18
C ARG B 424 -26.56 18.89 -2.23
N ALA B 425 -26.78 17.82 -1.48
CA ALA B 425 -27.87 17.82 -0.43
C ALA B 425 -27.54 18.81 0.59
N GLU B 426 -26.28 18.84 1.03
CA GLU B 426 -25.88 19.78 2.10
C GLU B 426 -26.01 21.23 1.63
N LEU B 427 -25.49 21.50 0.44
CA LEU B 427 -25.56 22.88 -0.09
C LEU B 427 -27.02 23.33 -0.19
N PHE B 428 -27.87 22.49 -0.76
CA PHE B 428 -29.25 22.86 -0.89
C PHE B 428 -29.95 23.05 0.46
N LEU B 429 -29.87 22.06 1.34
CA LEU B 429 -30.57 22.13 2.63
C LEU B 429 -30.00 23.15 3.54
N PHE B 430 -28.66 23.25 3.67
CA PHE B 430 -28.15 24.28 4.47
C PHE B 430 -28.50 25.67 3.93
N PHE B 431 -28.27 25.89 2.66
CA PHE B 431 -28.52 27.20 2.09
C PHE B 431 -30.01 27.62 2.27
N THR B 432 -30.94 26.78 1.85
CA THR B 432 -32.35 27.16 1.92
C THR B 432 -32.81 27.25 3.35
N THR B 433 -32.34 26.37 4.25
CA THR B 433 -32.81 26.46 5.66
C THR B 433 -32.34 27.76 6.33
N ILE B 434 -31.13 28.21 5.99
CA ILE B 434 -30.63 29.42 6.55
C ILE B 434 -31.42 30.56 5.97
N LEU B 435 -31.54 30.61 4.64
CA LEU B 435 -32.26 31.76 4.01
C LEU B 435 -33.72 31.82 4.41
N GLN B 436 -34.34 30.66 4.62
CA GLN B 436 -35.72 30.63 5.14
C GLN B 436 -35.88 31.34 6.42
N ASN B 437 -34.89 31.30 7.31
CA ASN B 437 -35.04 31.86 8.64
C ASN B 437 -34.29 33.14 8.83
N PHE B 438 -33.32 33.46 7.99
CA PHE B 438 -32.53 34.67 8.18
C PHE B 438 -32.21 35.42 6.88
N SER B 439 -32.09 36.73 6.98
CA SER B 439 -31.46 37.54 5.94
C SER B 439 -30.07 37.91 6.46
N MET B 440 -29.22 38.42 5.59
CA MET B 440 -27.83 38.61 5.95
C MET B 440 -27.50 40.07 5.92
N ALA B 441 -26.57 40.49 6.76
CA ALA B 441 -26.04 41.85 6.68
C ALA B 441 -24.62 41.84 7.03
N SER B 442 -23.91 42.89 6.66
CA SER B 442 -22.57 43.03 7.15
C SER B 442 -22.15 44.49 7.09
N PRO B 443 -21.02 44.86 7.70
CA PRO B 443 -20.55 46.23 7.66
C PRO B 443 -20.02 46.65 6.31
N VAL B 444 -19.79 45.73 5.39
CA VAL B 444 -19.21 46.11 4.11
C VAL B 444 -20.36 46.24 3.12
N ALA B 445 -20.50 47.41 2.50
CA ALA B 445 -21.50 47.58 1.47
C ALA B 445 -21.21 46.65 0.24
N PRO B 446 -22.25 46.20 -0.47
CA PRO B 446 -22.11 45.24 -1.55
C PRO B 446 -21.11 45.62 -2.61
N GLU B 447 -21.05 46.90 -2.97
CA GLU B 447 -20.11 47.38 -4.00
C GLU B 447 -18.70 47.18 -3.52
N ASP B 448 -18.46 47.26 -2.21
CA ASP B 448 -17.09 47.14 -1.68
C ASP B 448 -16.64 45.69 -1.35
N ILE B 449 -17.55 44.73 -1.47
CA ILE B 449 -17.20 43.40 -1.13
C ILE B 449 -16.23 42.87 -2.18
N ASP B 450 -15.09 42.39 -1.70
CA ASP B 450 -14.03 41.90 -2.53
C ASP B 450 -14.03 40.38 -2.52
N LEU B 451 -14.16 39.80 -3.68
CA LEU B 451 -14.27 38.34 -3.82
C LEU B 451 -12.98 37.66 -4.12
N THR B 452 -11.90 38.44 -4.23
CA THR B 452 -10.61 37.92 -4.47
C THR B 452 -10.21 36.86 -3.46
N PRO B 453 -9.83 35.66 -3.95
CA PRO B 453 -9.57 34.62 -2.98
C PRO B 453 -8.39 34.96 -2.10
N GLN B 454 -8.47 34.53 -0.84
CA GLN B 454 -7.37 34.64 0.10
C GLN B 454 -6.21 33.72 -0.31
N GLU B 455 -6.52 32.55 -0.83
CA GLU B 455 -5.54 31.64 -1.41
C GLU B 455 -6.12 31.07 -2.67
N CYS B 456 -5.25 30.77 -3.61
CA CYS B 456 -5.65 30.14 -4.80
C CYS B 456 -4.55 29.23 -5.26
N GLY B 457 -4.68 27.95 -4.93
CA GLY B 457 -3.76 26.91 -5.35
C GLY B 457 -4.57 25.64 -5.59
N VAL B 458 -4.22 24.57 -4.90
CA VAL B 458 -5.04 23.35 -4.99
C VAL B 458 -6.51 23.71 -4.67
N GLY B 459 -6.72 24.51 -3.63
CA GLY B 459 -8.03 25.01 -3.22
C GLY B 459 -8.07 26.52 -3.51
N LYS B 460 -9.22 26.96 -3.95
CA LYS B 460 -9.54 28.41 -4.01
C LYS B 460 -10.36 28.71 -2.72
N ILE B 461 -9.78 29.60 -1.92
CA ILE B 461 -10.24 29.86 -0.61
C ILE B 461 -10.63 31.31 -0.49
N PRO B 462 -11.88 31.58 -0.12
CA PRO B 462 -12.34 33.00 0.00
C PRO B 462 -11.75 33.75 1.18
N PRO B 463 -11.77 35.09 1.13
CA PRO B 463 -11.26 35.83 2.22
C PRO B 463 -12.21 35.67 3.44
N THR B 464 -11.68 35.88 4.64
CA THR B 464 -12.48 36.04 5.85
C THR B 464 -13.36 37.22 5.70
N TYR B 465 -14.55 37.17 6.30
CA TYR B 465 -15.45 38.24 6.28
C TYR B 465 -16.41 38.10 7.48
N GLN B 466 -16.98 39.24 7.90
CA GLN B 466 -17.97 39.26 8.98
C GLN B 466 -19.35 39.25 8.37
N ILE B 467 -20.28 38.58 9.05
CA ILE B 467 -21.64 38.54 8.63
C ILE B 467 -22.52 38.51 9.90
N ARG B 468 -23.75 39.01 9.77
CA ARG B 468 -24.82 38.85 10.72
C ARG B 468 -25.93 38.10 10.05
N PHE B 469 -26.58 37.25 10.82
CA PHE B 469 -27.80 36.58 10.37
C PHE B 469 -29.00 37.21 11.09
N LEU B 470 -29.86 37.86 10.32
CA LEU B 470 -30.95 38.58 10.95
C LEU B 470 -32.23 37.72 10.91
N PRO B 471 -32.81 37.43 12.08
CA PRO B 471 -34.05 36.62 12.08
C PRO B 471 -35.14 37.26 11.26
N ARG B 472 -35.93 36.52 10.53
CA ARG B 472 -36.90 37.19 9.64
C ARG B 472 -38.21 37.80 10.22
N HIS B 473 -38.83 37.21 11.20
CA HIS B 473 -40.08 37.91 11.68
C HIS B 473 -41.24 37.72 10.72
CHA HEM C . 17.98 -23.05 -1.81
CHB HEM C . 16.98 -21.86 2.72
CHC HEM C . 17.43 -17.23 1.55
CHD HEM C . 18.29 -18.37 -3.05
C1A HEM C . 17.70 -23.14 -0.46
C2A HEM C . 17.48 -24.37 0.24
C3A HEM C . 17.22 -24.03 1.53
C4A HEM C . 17.28 -22.58 1.62
CMA HEM C . 16.89 -24.92 2.68
CAA HEM C . 17.47 -25.79 -0.29
CBA HEM C . 18.84 -26.38 -0.29
CGA HEM C . 18.79 -27.84 -0.73
O1A HEM C . 18.24 -28.07 -1.83
O2A HEM C . 19.21 -28.77 0.03
C1B HEM C . 16.97 -20.44 2.80
C2B HEM C . 16.68 -19.70 4.00
C3B HEM C . 16.81 -18.38 3.69
C4B HEM C . 17.18 -18.36 2.27
CMB HEM C . 16.32 -20.31 5.35
CAB HEM C . 16.66 -17.14 4.44
CBB HEM C . 16.32 -17.03 5.68
C1C HEM C . 17.73 -17.11 0.20
C2C HEM C . 18.02 -15.89 -0.47
C3C HEM C . 18.20 -16.21 -1.82
C4C HEM C . 18.09 -17.65 -1.92
CMC HEM C . 18.04 -14.51 0.21
CAC HEM C . 18.63 -15.40 -2.95
CBC HEM C . 19.38 -14.35 -2.74
C1D HEM C . 18.23 -19.78 -3.05
C2D HEM C . 18.44 -20.56 -4.28
C3D HEM C . 18.36 -21.87 -3.94
C4D HEM C . 18.08 -21.86 -2.49
CMD HEM C . 18.68 -20.05 -5.67
CAD HEM C . 18.50 -23.08 -4.87
CBD HEM C . 19.93 -23.54 -4.77
CGD HEM C . 20.17 -24.72 -5.70
O1D HEM C . 21.26 -24.87 -6.25
O2D HEM C . 19.29 -25.51 -5.98
NA HEM C . 17.58 -22.07 0.38
NB HEM C . 17.27 -19.61 1.85
NC HEM C . 17.86 -18.12 -0.63
ND HEM C . 18.14 -20.62 -1.97
FE HEM C . 17.76 -20.13 -0.11
C7 CM5 D . -7.43 -40.60 -2.83
C8 CM5 D . -7.70 -39.50 -1.78
C9 CM5 D . -8.34 -38.28 -2.39
C10 CM5 D . -7.26 -37.71 -3.29
C11 CM5 D . -6.67 -38.73 -4.29
C6 CM5 D . -7.17 -40.18 -4.29
C5 CM5 D . -6.18 -41.18 -4.96
C4 CM5 D . -6.10 -41.25 -6.50
C3 CM5 D . -4.92 -42.10 -7.08
C2 CM5 D . -4.96 -42.23 -8.62
C1 CM5 D . -3.70 -42.62 -9.43
O12 CM5 D . -3.15 -41.52 -10.22
C7 CM5 E . 8.30 -8.29 -10.22
C8 CM5 E . 9.21 -9.53 -10.20
C9 CM5 E . 9.57 -10.02 -8.83
C10 CM5 E . 10.22 -8.88 -8.07
C11 CM5 E . 9.39 -7.60 -7.95
C6 CM5 E . 8.23 -7.39 -8.97
C5 CM5 E . 8.09 -5.89 -9.31
C4 CM5 E . 7.06 -5.51 -10.38
C3 CM5 E . 6.49 -4.11 -10.12
C2 CM5 E . 5.82 -3.56 -11.38
C1 CM5 E . 4.74 -4.46 -11.96
O12 CM5 E . 4.03 -3.72 -12.99
C13 CM5 E . 3.05 -4.46 -13.73
C18 CM5 E . 2.17 -3.48 -14.53
O22 CM5 E . 1.47 -2.58 -13.68
C17 CM5 E . 1.11 -4.30 -15.21
O21 CM5 E . 0.21 -3.47 -15.93
O14 CM5 E . 3.63 -5.44 -14.62
C15 CM5 E . 2.66 -6.22 -15.34
C19 CM5 E . 3.33 -7.26 -16.23
O20 CM5 E . 4.28 -6.66 -17.13
C16 CM5 E . 1.78 -5.27 -16.16
O23 CM5 E . 0.65 -5.94 -16.66
C24 CM5 E . 0.41 -6.20 -18.04
O25 CM5 E . 1.21 -7.02 -18.92
C26 CM5 E . 0.76 -8.41 -18.95
C30 CM5 E . 1.50 -9.21 -20.03
O31 CM5 E . 2.91 -8.90 -20.01
C27 CM5 E . -0.78 -8.55 -19.08
O32 CM5 E . -1.19 -9.86 -18.74
C28 CM5 E . -1.54 -7.62 -18.16
O33 CM5 E . -2.95 -7.68 -18.39
C29 CM5 E . -1.06 -6.21 -18.37
O34 CM5 E . -1.72 -5.38 -17.42
C7 CM5 F . -1.76 -36.21 4.22
C8 CM5 F . -0.83 -35.02 4.13
C9 CM5 F . -1.61 -33.74 4.13
C10 CM5 F . -2.38 -33.70 5.43
C11 CM5 F . -3.39 -34.83 5.39
C6 CM5 F . -2.64 -36.15 5.44
C5 CM5 F . -3.52 -37.39 5.53
C4 CM5 F . -5.00 -37.13 5.86
C3 CM5 F . -5.87 -38.39 5.66
C2 CM5 F . -5.38 -39.62 6.40
C1 CM5 F . -5.23 -39.30 7.88
O12 CM5 F . -5.75 -40.37 8.66
C2 82S G . 12.70 -20.89 -2.05
C2 82S G . 9.36 -22.94 -3.26
C3 82S G . 12.23 -21.47 -0.71
C3 82S G . 8.91 -21.88 -2.25
C4 82S G . 10.74 -21.74 -0.92
C4 82S G . 10.19 -21.51 -1.51
C5 82S G . 10.02 -20.39 -1.01
C5 82S G . 10.57 -22.69 -0.62
C6 82S G . 10.48 -19.81 -2.35
C6 82S G . 11.03 -23.77 -1.62
C7 82S G . 10.74 -22.15 -2.37
C7 82S G . 11.20 -21.64 -2.60
C8 82S G . 9.32 -22.28 -2.93
C8 82S G . 12.63 -21.53 -2.06
C9 82S G . 11.59 -23.40 -2.62
C9 82S G . 10.93 -20.68 -3.76
C10 82S G . 11.64 -20.85 -4.38
C10 82S G . 11.67 -23.66 -4.09
BR1 82S G . 14.05 -22.06 -2.88
BR1 82S G . 9.09 -22.33 -5.10
C1 82S G . 11.41 -20.91 -2.85
C1 82S G . 10.85 -23.04 -2.94
CHA HEM H . -12.72 13.75 -4.77
CHB HEM H . -14.79 18.03 -5.46
CHC HEM H . -17.44 17.32 -1.57
CHD HEM H . -15.34 13.03 -0.77
C1A HEM H . -13.08 14.98 -5.33
C2A HEM H . -12.50 15.51 -6.53
C3A HEM H . -13.09 16.71 -6.72
C4A HEM H . -14.05 16.90 -5.66
CMA HEM H . -12.82 17.64 -7.83
CAA HEM H . -11.40 14.93 -7.38
CBA HEM H . -11.91 14.08 -8.49
CGA HEM H . -10.77 13.61 -9.38
O1A HEM H . -9.86 13.03 -8.82
O2A HEM H . -10.80 13.79 -10.64
C1B HEM H . -15.71 18.23 -4.39
C2B HEM H . -16.51 19.45 -4.23
C3B HEM H . -17.26 19.26 -3.13
C4B HEM H . -16.90 17.90 -2.64
CMB HEM H . -16.48 20.65 -5.16
CAB HEM H . -18.23 20.07 -2.43
CBB HEM H . -18.58 21.27 -2.73
C1C HEM H . -17.15 16.08 -1.01
C2C HEM H . -17.81 15.52 0.11
C3C HEM H . -17.22 14.28 0.37
C4C HEM H . -16.15 14.11 -0.60
CMC HEM H . -18.97 16.11 0.91
CAC HEM H . -17.68 13.47 1.50
CBC HEM H . -16.92 12.59 2.08
C1D HEM H . -14.40 12.92 -1.81
C2D HEM H . -13.51 11.78 -1.96
C3D HEM H . -12.79 12.00 -3.10
C4D HEM H . -13.24 13.29 -3.58
CMD HEM H . -13.36 10.56 -1.05
CAD HEM H . -11.72 11.10 -3.73
CBD HEM H . -12.38 10.22 -4.75
CGD HEM H . -11.42 9.19 -5.33
O1D HEM H . -11.79 8.02 -5.65
O2D HEM H . -10.23 9.46 -5.43
NA HEM H . -14.03 15.82 -4.83
NB HEM H . -16.00 17.38 -3.43
NC HEM H . -16.25 15.24 -1.45
ND HEM H . -14.28 13.76 -2.91
FE HEM H . -15.16 15.50 -3.19
C7 CM5 I . 14.29 27.33 -6.80
C8 CM5 I . 13.70 28.53 -6.07
C9 CM5 I . 13.52 28.26 -4.59
C10 CM5 I . 13.08 26.81 -4.45
C11 CM5 I . 14.19 25.83 -4.80
C6 CM5 I . 15.07 26.32 -5.94
C5 CM5 I . 15.48 25.15 -6.84
C4 CM5 I . 16.25 24.01 -6.19
C3 CM5 I . 16.21 22.82 -7.15
C2 CM5 I . 17.05 21.64 -6.68
C1 CM5 I . 16.73 20.41 -7.51
O12 CM5 I . 17.30 19.21 -6.98
C7 CM5 J . -11.65 14.86 14.83
C8 CM5 J . -11.54 14.03 13.52
C9 CM5 J . -12.10 14.66 12.24
C10 CM5 J . -13.40 15.47 12.47
C11 CM5 J . -13.97 15.39 13.89
C6 CM5 J . -12.89 15.76 14.93
C5 CM5 J . -13.55 15.80 16.31
C4 CM5 J . -12.71 15.58 17.54
C3 CM5 J . -13.23 16.39 18.73
C2 CM5 J . -12.63 15.79 19.99
C1 CM5 J . -11.12 15.82 19.98
O12 CM5 J . -10.68 15.64 21.34
C13 CM5 J . -9.28 15.64 21.52
C18 CM5 J . -8.99 15.65 23.04
O22 CM5 J . -9.73 16.72 23.68
C17 CM5 J . -7.47 15.71 23.21
O21 CM5 J . -7.12 15.66 24.57
O14 CM5 J . -8.65 14.50 20.87
C15 CM5 J . -7.22 14.49 20.98
C19 CM5 J . -6.62 13.26 20.34
O20 CM5 J . -7.25 12.05 20.82
C16 CM5 J . -6.91 14.49 22.47
O23 CM5 J . -5.58 14.21 22.64
C24 CM5 J . -4.78 13.13 23.43
O25 CM5 J . -4.26 12.16 22.46
C26 CM5 J . -3.08 12.33 21.67
C30 CM5 J . -2.53 10.94 21.32
O31 CM5 J . -3.56 10.08 20.77
C27 CM5 J . -2.06 13.24 22.36
O32 CM5 J . -1.08 13.65 21.42
C28 CM5 J . -2.69 14.54 22.85
O33 CM5 J . -1.67 15.26 23.51
C29 CM5 J . -3.87 14.34 23.79
O34 CM5 J . -4.63 15.56 23.85
C7 CM5 K . 5.49 29.32 -9.28
C8 CM5 K . 4.80 28.75 -8.06
C9 CM5 K . 3.69 29.63 -7.55
C10 CM5 K . 4.13 31.08 -7.43
C11 CM5 K . 5.58 31.32 -7.82
C6 CM5 K . 5.79 30.83 -9.24
C5 CM5 K . 7.21 31.10 -9.70
C4 CM5 K . 7.48 32.55 -10.18
C3 CM5 K . 8.88 32.67 -10.80
C2 CM5 K . 8.90 33.61 -12.00
C1 CM5 K . 8.33 35.00 -11.68
O12 CM5 K . 8.75 35.94 -12.67
C2 82S L . -10.44 17.15 -0.66
C2 82S L . -6.55 17.95 -0.31
C3 82S L . -10.41 18.41 -1.54
C3 82S L . -7.35 19.12 0.29
C4 82S L . -9.18 19.17 -1.03
C4 82S L . -8.73 18.95 -0.33
C5 82S L . -9.50 19.71 0.36
C5 82S L . -8.65 19.28 -1.82
C6 82S L . -9.52 18.45 1.25
C6 82S L . -7.84 18.11 -2.41
C7 82S L . -8.27 18.04 -0.70
C7 82S L . -8.84 17.46 -0.39
C8 82S L . -7.01 18.53 0.02
C8 82S L . -10.07 17.00 -1.16
C9 82S L . -7.94 17.19 -1.93
C9 82S L . -8.75 16.82 1.01
C10 82S L . -8.69 16.07 0.85
C10 82S L . -7.25 15.81 -1.49
BR1 82S L . -10.22 15.53 -1.77
BR1 82S L . -5.93 16.74 1.13
C1 82S L . -9.21 17.36 0.22
C1 82S L . -7.59 17.26 -1.17
#